data_5C7R
#
_entry.id   5C7R
#
_cell.length_a   48.050
_cell.length_b   110.800
_cell.length_c   96.570
_cell.angle_alpha   90.00
_cell.angle_beta   94.16
_cell.angle_gamma   90.00
#
_symmetry.space_group_name_H-M   'P 1 21 1'
#
loop_
_entity.id
_entity.type
_entity.pdbx_description
1 polymer 'Fusion protein of Maltose-binding periplasmic protein and Type-3 ice-structuring protein HPLC 12'
2 branched alpha-D-glucopyranose-(1-4)-alpha-D-glucopyranose-(1-4)-alpha-D-glucopyranose
3 non-polymer 'SULFATE ION'
4 water water
#
_entity_poly.entity_id   1
_entity_poly.type   'polypeptide(L)'
_entity_poly.pdbx_seq_one_letter_code
;MKIEEGKLVIWINGDKGYNGLAEVGKKFEKDTGIKVTVEHPDKLEEKFPQVAATGDGPDIIFWAHDRFGGYAQSGLLAEI
TPDKAFQDKLYPFTWDAVRYNGKLIAYPIAVEALSLIYNKDLLPNPPKTWEEIPALDKELKAKGKSALMFNLQEPYFTWP
LIAADGGYAFKYENGKYDIKDVGVDNAGAKAGLTFLVDLIKNKHMNADTDYSIAEAAFNKGETAMTINGPWAWSNIDTSK
VNYGVTVLPTFKGQPSKPFVGVLSAGINAASPNKELAKEFLENYLLTDEGLEAVNKDKPLGAVALKSYEEELAKDPRIAA
TMENAQKGEIMPNIPQMSAFWYAVRTAVINAASGRQTVDAALAAAQTNAAANQASVVANQLIPINTALTLVMMRSEVVTP
VGIPAEDIPRLVSMQVNRAVPLGTTLMPDMVKGYAALEHHHHHH
;
_entity_poly.pdbx_strand_id   A,B
#
loop_
_chem_comp.id
_chem_comp.type
_chem_comp.name
_chem_comp.formula
GLC D-saccharide, alpha linking alpha-D-glucopyranose 'C6 H12 O6'
SO4 non-polymer 'SULFATE ION' 'O4 S -2'
#
# COMPACT_ATOMS: atom_id res chain seq x y z
N LYS A 2 3.23 2.10 -5.15
N LYS A 2 3.67 2.65 -5.14
CA LYS A 2 2.78 1.37 -6.37
CA LYS A 2 3.16 1.81 -6.26
C LYS A 2 1.94 2.27 -7.27
C LYS A 2 2.29 2.62 -7.20
N ILE A 3 1.21 3.21 -6.67
CA ILE A 3 0.52 4.27 -7.39
C ILE A 3 1.61 5.22 -7.85
N GLU A 4 1.65 5.56 -9.14
CA GLU A 4 2.58 6.58 -9.63
C GLU A 4 1.91 7.51 -10.65
N GLU A 5 2.31 8.77 -10.61
CA GLU A 5 1.90 9.72 -11.60
C GLU A 5 2.19 9.17 -13.00
N GLY A 6 1.15 9.05 -13.81
CA GLY A 6 1.33 8.75 -15.22
C GLY A 6 1.21 7.28 -15.52
N LYS A 7 0.70 6.52 -14.56
CA LYS A 7 0.31 5.13 -14.73
C LYS A 7 -1.02 4.90 -14.00
N LEU A 8 -1.77 3.88 -14.38
CA LEU A 8 -3.01 3.57 -13.67
C LEU A 8 -2.92 2.16 -13.11
N VAL A 9 -3.34 2.02 -11.87
CA VAL A 9 -3.56 0.72 -11.26
C VAL A 9 -5.03 0.56 -10.97
N ILE A 10 -5.58 -0.57 -11.39
CA ILE A 10 -7.00 -0.81 -11.28
C ILE A 10 -7.20 -2.10 -10.49
N TRP A 11 -8.14 -2.07 -9.55
CA TRP A 11 -8.61 -3.25 -8.82
C TRP A 11 -10.02 -3.60 -9.17
N ILE A 12 -10.21 -4.88 -9.50
CA ILE A 12 -11.52 -5.44 -9.77
C ILE A 12 -11.54 -6.86 -9.20
N ASN A 13 -12.74 -7.34 -8.85
CA ASN A 13 -12.88 -8.69 -8.27
C ASN A 13 -12.59 -9.84 -9.24
N GLY A 14 -12.02 -10.89 -8.65
CA GLY A 14 -11.56 -12.04 -9.40
C GLY A 14 -12.65 -12.80 -10.13
N ASP A 15 -13.92 -12.57 -9.79
CA ASP A 15 -14.99 -13.23 -10.55
C ASP A 15 -15.42 -12.42 -11.79
N LYS A 16 -14.87 -11.21 -11.97
CA LYS A 16 -15.25 -10.37 -13.14
C LYS A 16 -14.25 -10.48 -14.30
N GLY A 17 -14.54 -9.82 -15.42
CA GLY A 17 -13.75 -9.93 -16.63
C GLY A 17 -12.48 -9.11 -16.68
N TYR A 18 -11.54 -9.42 -15.79
CA TYR A 18 -10.37 -8.59 -15.65
C TYR A 18 -9.37 -8.72 -16.82
N ASN A 19 -9.39 -9.83 -17.53
CA ASN A 19 -8.56 -9.97 -18.73
C ASN A 19 -9.14 -9.07 -19.82
N GLY A 20 -10.45 -9.07 -19.96
CA GLY A 20 -11.08 -8.13 -20.86
C GLY A 20 -10.80 -6.68 -20.49
N LEU A 21 -10.85 -6.36 -19.21
CA LEU A 21 -10.58 -5.01 -18.79
C LEU A 21 -9.16 -4.66 -19.10
N ALA A 22 -8.24 -5.62 -18.93
CA ALA A 22 -6.83 -5.38 -19.29
C ALA A 22 -6.66 -5.05 -20.80
N GLU A 23 -7.52 -5.58 -21.65
CA GLU A 23 -7.41 -5.24 -23.08
C GLU A 23 -7.78 -3.78 -23.31
N VAL A 24 -8.74 -3.28 -22.55
CA VAL A 24 -9.11 -1.88 -22.65
C VAL A 24 -7.95 -1.05 -22.18
N GLY A 25 -7.27 -1.54 -21.15
CA GLY A 25 -6.08 -0.88 -20.63
C GLY A 25 -4.94 -0.81 -21.64
N LYS A 26 -4.75 -1.86 -22.42
CA LYS A 26 -3.68 -1.89 -23.42
C LYS A 26 -4.01 -0.92 -24.58
N LYS A 27 -5.28 -0.82 -24.95
CA LYS A 27 -5.69 0.18 -25.93
C LYS A 27 -5.46 1.62 -25.42
N PHE A 28 -5.77 1.85 -24.15
CA PHE A 28 -5.52 3.12 -23.52
C PHE A 28 -4.06 3.45 -23.59
N GLU A 29 -3.23 2.48 -23.21
CA GLU A 29 -1.80 2.69 -23.19
C GLU A 29 -1.28 2.96 -24.63
N LYS A 30 -1.82 2.23 -25.60
N LYS A 30 -1.81 2.25 -25.61
CA LYS A 30 -1.50 2.44 -27.00
CA LYS A 30 -1.42 2.48 -27.00
C LYS A 30 -1.76 3.88 -27.43
C LYS A 30 -1.74 3.91 -27.43
N ASP A 31 -2.92 4.42 -27.05
CA ASP A 31 -3.31 5.78 -27.42
C ASP A 31 -2.59 6.87 -26.65
N THR A 32 -2.24 6.60 -25.39
CA THR A 32 -1.91 7.67 -24.46
C THR A 32 -0.52 7.59 -23.90
N GLY A 33 0.07 6.40 -23.99
CA GLY A 33 1.35 6.17 -23.40
C GLY A 33 1.24 5.95 -21.91
N ILE A 34 0.02 5.75 -21.40
CA ILE A 34 -0.22 5.62 -19.95
C ILE A 34 -0.40 4.15 -19.65
N LYS A 35 0.56 3.58 -18.97
CA LYS A 35 0.49 2.16 -18.64
C LYS A 35 -0.69 1.89 -17.68
N VAL A 36 -1.45 0.82 -17.94
CA VAL A 36 -2.55 0.41 -17.11
C VAL A 36 -2.27 -1.01 -16.55
N THR A 37 -2.42 -1.17 -15.24
CA THR A 37 -2.27 -2.49 -14.57
C THR A 37 -3.55 -2.87 -13.86
N VAL A 38 -4.16 -3.96 -14.29
CA VAL A 38 -5.36 -4.47 -13.69
C VAL A 38 -5.00 -5.59 -12.72
N GLU A 39 -5.41 -5.43 -11.46
CA GLU A 39 -5.15 -6.44 -10.41
C GLU A 39 -6.46 -6.92 -9.82
N HIS A 40 -6.48 -8.14 -9.31
CA HIS A 40 -7.67 -8.65 -8.68
C HIS A 40 -7.32 -9.24 -7.33
N PRO A 41 -6.95 -8.38 -6.38
CA PRO A 41 -6.59 -8.87 -5.04
C PRO A 41 -7.70 -9.61 -4.34
N ASP A 42 -7.31 -10.53 -3.46
CA ASP A 42 -8.26 -11.11 -2.52
C ASP A 42 -8.83 -10.05 -1.58
N LYS A 43 -10.09 -10.24 -1.21
CA LYS A 43 -10.78 -9.36 -0.28
C LYS A 43 -10.54 -7.90 -0.59
N LEU A 44 -10.54 -7.54 -1.87
CA LEU A 44 -10.20 -6.18 -2.21
C LEU A 44 -11.06 -5.14 -1.54
N GLU A 45 -12.33 -5.43 -1.38
CA GLU A 45 -13.30 -4.52 -0.77
C GLU A 45 -13.00 -4.24 0.68
N GLU A 46 -12.40 -5.21 1.34
CA GLU A 46 -11.88 -5.01 2.70
C GLU A 46 -10.52 -4.37 2.63
N LYS A 47 -9.70 -4.79 1.65
CA LYS A 47 -8.37 -4.25 1.48
C LYS A 47 -8.37 -2.74 1.16
N PHE A 48 -9.28 -2.32 0.26
CA PHE A 48 -9.30 -0.92 -0.20
C PHE A 48 -9.49 0.05 0.94
N PRO A 49 -10.56 -0.11 1.76
CA PRO A 49 -10.78 0.90 2.80
C PRO A 49 -9.63 0.92 3.78
N GLN A 50 -8.95 -0.22 3.93
CA GLN A 50 -7.81 -0.31 4.85
C GLN A 50 -6.60 0.44 4.26
N VAL A 51 -6.29 0.23 2.99
CA VAL A 51 -5.06 0.82 2.44
C VAL A 51 -5.24 2.25 1.90
N ALA A 52 -6.41 2.59 1.37
CA ALA A 52 -6.59 3.95 0.88
C ALA A 52 -6.74 4.88 2.07
N ALA A 53 -7.07 4.31 3.24
CA ALA A 53 -7.09 5.04 4.51
C ALA A 53 -5.79 5.81 4.65
N THR A 54 -4.69 5.17 4.26
CA THR A 54 -3.41 5.85 4.13
C THR A 54 -3.44 6.71 2.87
N GLY A 55 -2.55 6.44 1.91
CA GLY A 55 -2.63 7.08 0.59
C GLY A 55 -2.31 6.08 -0.50
N ASP A 56 -2.64 4.81 -0.22
CA ASP A 56 -2.21 3.67 -1.03
C ASP A 56 -3.41 3.05 -1.73
N GLY A 57 -3.24 1.83 -2.23
CA GLY A 57 -4.31 1.19 -2.98
C GLY A 57 -4.27 1.66 -4.42
N PRO A 58 -5.31 1.31 -5.20
CA PRO A 58 -5.29 1.56 -6.64
C PRO A 58 -5.87 2.93 -7.04
N ASP A 59 -5.63 3.35 -8.29
CA ASP A 59 -6.20 4.61 -8.81
C ASP A 59 -7.69 4.42 -8.96
N ILE A 60 -8.08 3.23 -9.39
CA ILE A 60 -9.47 2.93 -9.69
C ILE A 60 -9.90 1.65 -8.95
N ILE A 61 -11.04 1.69 -8.26
CA ILE A 61 -11.60 0.47 -7.66
C ILE A 61 -12.98 0.15 -8.21
N PHE A 62 -13.16 -1.12 -8.54
CA PHE A 62 -14.40 -1.67 -9.06
C PHE A 62 -15.06 -2.49 -7.96
N TRP A 63 -16.33 -2.20 -7.67
CA TRP A 63 -17.15 -3.08 -6.84
C TRP A 63 -18.61 -2.74 -7.08
N ALA A 64 -19.51 -3.57 -6.61
CA ALA A 64 -20.92 -3.19 -6.52
C ALA A 64 -21.07 -1.93 -5.70
N HIS A 65 -22.09 -1.14 -6.03
CA HIS A 65 -22.26 0.19 -5.43
C HIS A 65 -22.50 0.18 -3.93
N ASP A 66 -23.04 -0.90 -3.42
CA ASP A 66 -23.35 -0.98 -2.01
C ASP A 66 -22.23 -0.64 -1.06
N ARG A 67 -21.00 -0.82 -1.45
CA ARG A 67 -19.87 -0.53 -0.59
C ARG A 67 -19.36 0.89 -0.69
N PHE A 68 -19.80 1.60 -1.71
CA PHE A 68 -19.32 2.94 -2.00
C PHE A 68 -19.63 4.11 -1.03
N GLY A 69 -20.77 4.10 -0.41
CA GLY A 69 -21.11 5.18 0.50
C GLY A 69 -20.21 5.21 1.70
N GLY A 70 -19.74 4.04 2.11
CA GLY A 70 -18.87 3.94 3.27
C GLY A 70 -17.52 4.48 2.87
N TYR A 71 -17.07 4.16 1.66
CA TYR A 71 -15.79 4.73 1.17
C TYR A 71 -15.92 6.24 1.05
N ALA A 72 -17.07 6.71 0.55
CA ALA A 72 -17.30 8.17 0.41
C ALA A 72 -17.29 8.87 1.74
N GLN A 73 -18.03 8.30 2.71
CA GLN A 73 -18.15 8.80 4.07
C GLN A 73 -16.80 9.00 4.67
N SER A 74 -15.88 8.07 4.40
CA SER A 74 -14.52 8.22 4.87
C SER A 74 -13.57 9.06 4.01
N GLY A 75 -14.07 9.74 2.98
CA GLY A 75 -13.22 10.56 2.13
C GLY A 75 -12.30 9.84 1.15
N LEU A 76 -12.53 8.55 0.88
CA LEU A 76 -11.62 7.75 0.03
C LEU A 76 -11.82 7.92 -1.48
N LEU A 77 -12.90 8.58 -1.88
CA LEU A 77 -13.26 8.69 -3.28
C LEU A 77 -13.27 10.12 -3.78
N ALA A 78 -12.77 10.29 -4.99
CA ALA A 78 -12.82 11.56 -5.65
C ALA A 78 -14.24 11.76 -6.12
N GLU A 79 -14.71 12.98 -6.05
CA GLU A 79 -15.98 13.29 -6.66
C GLU A 79 -15.73 13.27 -8.16
N ILE A 80 -16.57 12.55 -8.90
CA ILE A 80 -16.36 12.42 -10.33
C ILE A 80 -17.13 13.53 -11.04
N THR A 81 -16.65 13.93 -12.22
CA THR A 81 -17.21 15.09 -12.89
C THR A 81 -17.69 14.87 -14.32
N PRO A 82 -18.59 13.90 -14.56
CA PRO A 82 -19.12 13.72 -15.93
C PRO A 82 -19.89 14.95 -16.41
N ASP A 83 -19.79 15.34 -17.68
CA ASP A 83 -20.62 16.47 -18.15
C ASP A 83 -22.02 15.95 -18.41
N LYS A 84 -22.99 16.83 -18.65
CA LYS A 84 -24.38 16.37 -18.84
C LYS A 84 -24.52 15.44 -20.04
N ALA A 85 -23.79 15.69 -21.11
CA ALA A 85 -23.84 14.77 -22.26
C ALA A 85 -23.37 13.37 -21.85
N PHE A 86 -22.30 13.29 -21.08
CA PHE A 86 -21.84 11.96 -20.67
C PHE A 86 -22.89 11.30 -19.77
N GLN A 87 -23.36 12.02 -18.75
CA GLN A 87 -24.39 11.48 -17.86
C GLN A 87 -25.56 10.89 -18.62
N ASP A 88 -26.03 11.66 -19.61
CA ASP A 88 -27.07 11.23 -20.55
C ASP A 88 -26.79 9.93 -21.29
N LYS A 89 -25.54 9.48 -21.35
CA LYS A 89 -25.28 8.20 -22.01
C LYS A 89 -25.64 6.97 -21.14
N LEU A 90 -25.86 7.19 -19.85
CA LEU A 90 -26.15 6.08 -18.94
C LEU A 90 -27.54 6.23 -18.31
N TYR A 91 -28.17 5.10 -17.99
CA TYR A 91 -29.48 5.09 -17.33
C TYR A 91 -29.47 5.85 -16.03
N PRO A 92 -30.42 6.80 -15.85
CA PRO A 92 -30.49 7.61 -14.63
C PRO A 92 -30.48 6.78 -13.33
N PHE A 93 -31.12 5.61 -13.35
CA PHE A 93 -31.24 4.83 -12.12
C PHE A 93 -29.87 4.26 -11.74
N THR A 94 -28.98 4.15 -12.73
CA THR A 94 -27.62 3.75 -12.40
C THR A 94 -26.80 4.89 -11.81
N TRP A 95 -27.02 6.15 -12.18
CA TRP A 95 -26.32 7.22 -11.49
C TRP A 95 -26.82 7.33 -10.05
N ASP A 96 -28.10 7.06 -9.88
CA ASP A 96 -28.72 7.14 -8.57
C ASP A 96 -27.97 6.20 -7.62
N ALA A 97 -27.54 5.06 -8.14
CA ALA A 97 -26.96 4.03 -7.28
C ALA A 97 -25.63 4.52 -6.73
N VAL A 98 -25.00 5.43 -7.45
CA VAL A 98 -23.67 5.92 -7.12
C VAL A 98 -23.68 7.39 -6.67
N ARG A 99 -24.86 7.88 -6.30
CA ARG A 99 -24.98 9.20 -5.72
C ARG A 99 -25.03 9.06 -4.18
N TYR A 100 -24.13 9.76 -3.48
CA TYR A 100 -24.06 9.77 -2.01
C TYR A 100 -24.00 11.19 -1.44
N ASN A 101 -24.99 11.54 -0.60
CA ASN A 101 -24.99 12.84 0.08
C ASN A 101 -24.80 13.96 -0.96
N GLY A 102 -25.56 13.86 -2.04
CA GLY A 102 -25.56 14.84 -3.11
C GLY A 102 -24.61 14.60 -4.27
N LYS A 103 -23.48 13.93 -4.02
CA LYS A 103 -22.38 13.85 -4.98
C LYS A 103 -22.30 12.49 -5.69
N LEU A 104 -21.93 12.52 -6.98
CA LEU A 104 -21.58 11.32 -7.73
C LEU A 104 -20.22 10.83 -7.28
N ILE A 105 -20.14 9.60 -6.80
CA ILE A 105 -18.89 9.12 -6.23
C ILE A 105 -18.28 7.99 -7.01
N ALA A 106 -18.91 7.59 -8.10
CA ALA A 106 -18.36 6.54 -8.91
C ALA A 106 -19.03 6.51 -10.27
N TYR A 107 -18.44 5.79 -11.22
CA TYR A 107 -19.11 5.58 -12.52
C TYR A 107 -19.82 4.25 -12.55
N PRO A 108 -21.11 4.26 -12.90
CA PRO A 108 -21.80 2.96 -13.00
C PRO A 108 -21.46 2.22 -14.29
N ILE A 109 -21.33 0.89 -14.22
CA ILE A 109 -20.92 0.11 -15.37
C ILE A 109 -22.02 -0.83 -15.78
N ALA A 110 -22.61 -1.51 -14.82
CA ALA A 110 -23.53 -2.59 -15.15
C ALA A 110 -24.41 -3.11 -14.00
N VAL A 111 -25.57 -3.66 -14.37
CA VAL A 111 -26.61 -4.02 -13.42
C VAL A 111 -26.59 -5.53 -13.27
N GLU A 112 -26.33 -5.95 -12.04
CA GLU A 112 -26.19 -7.35 -11.63
C GLU A 112 -27.40 -7.80 -10.81
N ALA A 113 -28.02 -8.90 -11.24
CA ALA A 113 -29.02 -9.57 -10.44
C ALA A 113 -28.81 -11.07 -10.57
N LEU A 114 -29.04 -11.77 -9.48
CA LEU A 114 -28.98 -13.22 -9.46
C LEU A 114 -30.15 -13.79 -10.25
N SER A 115 -29.88 -14.84 -11.02
CA SER A 115 -30.95 -15.61 -11.62
C SER A 115 -30.84 -17.09 -11.28
N LEU A 116 -31.91 -17.81 -11.60
CA LEU A 116 -31.85 -19.26 -11.57
C LEU A 116 -31.27 -19.80 -12.88
N ILE A 117 -30.14 -20.49 -12.76
CA ILE A 117 -29.50 -21.12 -13.90
C ILE A 117 -29.81 -22.61 -13.85
N TYR A 118 -30.29 -23.17 -14.96
CA TYR A 118 -30.68 -24.59 -14.96
C TYR A 118 -30.17 -25.36 -16.16
N ASN A 119 -29.93 -26.65 -15.94
CA ASN A 119 -29.46 -27.56 -16.97
C ASN A 119 -30.64 -28.15 -17.71
N LYS A 120 -30.79 -27.76 -18.97
CA LYS A 120 -31.96 -28.10 -19.74
C LYS A 120 -32.07 -29.60 -20.00
N ASP A 121 -30.95 -30.32 -19.83
CA ASP A 121 -30.89 -31.76 -20.03
C ASP A 121 -31.01 -32.56 -18.73
N LEU A 122 -31.38 -31.88 -17.66
CA LEU A 122 -31.73 -32.52 -16.39
C LEU A 122 -33.10 -32.04 -15.98
N LEU A 123 -33.36 -30.75 -16.21
CA LEU A 123 -34.64 -30.15 -15.90
C LEU A 123 -35.07 -29.22 -17.02
N PRO A 124 -35.69 -29.79 -18.07
CA PRO A 124 -36.10 -28.96 -19.21
C PRO A 124 -37.17 -27.96 -18.81
N ASN A 125 -37.94 -28.27 -17.78
CA ASN A 125 -38.89 -27.30 -17.20
C ASN A 125 -38.55 -27.02 -15.74
N PRO A 126 -37.80 -25.95 -15.48
CA PRO A 126 -37.34 -25.73 -14.09
C PRO A 126 -38.48 -25.33 -13.16
N PRO A 127 -38.30 -25.57 -11.86
CA PRO A 127 -39.37 -25.26 -10.91
C PRO A 127 -39.68 -23.77 -10.82
N LYS A 128 -40.96 -23.47 -10.66
CA LYS A 128 -41.46 -22.13 -10.46
C LYS A 128 -41.47 -21.74 -8.98
N THR A 129 -41.30 -22.73 -8.09
CA THR A 129 -41.35 -22.47 -6.65
C THR A 129 -40.26 -23.19 -5.90
N TRP A 130 -39.83 -22.57 -4.80
CA TRP A 130 -38.85 -23.18 -3.93
C TRP A 130 -39.38 -24.50 -3.39
N GLU A 131 -40.66 -24.50 -3.05
CA GLU A 131 -41.33 -25.62 -2.40
C GLU A 131 -41.30 -26.96 -3.19
N GLU A 132 -41.04 -26.94 -4.49
CA GLU A 132 -41.11 -28.20 -5.23
C GLU A 132 -39.74 -28.83 -5.32
N ILE A 133 -38.75 -28.11 -4.81
CA ILE A 133 -37.37 -28.50 -5.00
C ILE A 133 -37.00 -29.72 -4.17
N PRO A 134 -37.54 -29.85 -2.94
CA PRO A 134 -37.30 -31.11 -2.21
C PRO A 134 -37.73 -32.32 -3.03
N ALA A 135 -38.96 -32.32 -3.54
CA ALA A 135 -39.44 -33.42 -4.38
C ALA A 135 -38.55 -33.66 -5.59
N LEU A 136 -38.14 -32.58 -6.24
N LEU A 136 -38.15 -32.58 -6.27
CA LEU A 136 -37.27 -32.67 -7.40
CA LEU A 136 -37.25 -32.68 -7.42
C LEU A 136 -35.91 -33.28 -7.03
C LEU A 136 -35.90 -33.29 -7.03
N ASP A 137 -35.34 -32.84 -5.92
CA ASP A 137 -34.06 -33.38 -5.48
C ASP A 137 -34.17 -34.88 -5.26
N LYS A 138 -35.30 -35.34 -4.73
CA LYS A 138 -35.44 -36.77 -4.45
C LYS A 138 -35.39 -37.55 -5.75
N GLU A 139 -36.25 -37.16 -6.69
CA GLU A 139 -36.29 -37.79 -8.00
C GLU A 139 -34.91 -37.79 -8.64
N LEU A 140 -34.14 -36.72 -8.45
CA LEU A 140 -32.85 -36.60 -9.09
C LEU A 140 -31.78 -37.37 -8.32
N LYS A 141 -31.89 -37.38 -7.00
CA LYS A 141 -30.96 -38.15 -6.18
C LYS A 141 -30.94 -39.60 -6.65
N ALA A 142 -32.12 -40.09 -7.04
CA ALA A 142 -32.27 -41.45 -7.53
C ALA A 142 -31.48 -41.69 -8.81
N LYS A 143 -31.42 -40.66 -9.66
CA LYS A 143 -30.64 -40.73 -10.90
C LYS A 143 -29.16 -40.41 -10.68
N GLY A 144 -28.75 -40.22 -9.43
CA GLY A 144 -27.36 -39.94 -9.14
C GLY A 144 -27.01 -38.47 -9.40
N LYS A 145 -27.99 -37.58 -9.23
CA LYS A 145 -27.77 -36.14 -9.38
C LYS A 145 -28.32 -35.40 -8.15
N SER A 146 -28.32 -34.07 -8.21
CA SER A 146 -29.00 -33.25 -7.18
C SER A 146 -29.83 -32.18 -7.87
N ALA A 147 -30.77 -31.58 -7.15
CA ALA A 147 -31.61 -30.55 -7.76
C ALA A 147 -30.93 -29.19 -7.78
N LEU A 148 -30.25 -28.85 -6.69
CA LEU A 148 -29.80 -27.47 -6.52
C LEU A 148 -28.56 -27.30 -5.67
N MET A 149 -27.59 -26.55 -6.20
CA MET A 149 -26.42 -26.12 -5.43
C MET A 149 -26.06 -24.67 -5.78
N PHE A 150 -25.72 -23.91 -4.74
CA PHE A 150 -25.29 -22.52 -4.83
C PHE A 150 -24.56 -22.09 -3.53
N ASN A 151 -23.81 -21.01 -3.63
CA ASN A 151 -22.91 -20.60 -2.56
C ASN A 151 -23.67 -20.19 -1.29
N LEU A 152 -23.53 -20.98 -0.23
CA LEU A 152 -24.19 -20.69 1.04
C LEU A 152 -23.27 -19.97 2.02
N GLN A 153 -22.06 -19.65 1.59
CA GLN A 153 -21.13 -18.95 2.47
C GLN A 153 -21.24 -17.44 2.35
N GLU A 154 -21.93 -16.95 1.33
CA GLU A 154 -22.12 -15.50 1.14
C GLU A 154 -23.61 -15.16 1.18
N PRO A 155 -24.00 -14.24 2.07
CA PRO A 155 -25.43 -13.93 2.23
C PRO A 155 -26.07 -13.38 0.95
N TYR A 156 -25.27 -12.83 0.04
CA TYR A 156 -25.80 -12.31 -1.23
C TYR A 156 -26.71 -13.32 -1.91
N PHE A 157 -26.29 -14.58 -1.83
CA PHE A 157 -26.94 -15.67 -2.53
C PHE A 157 -28.19 -16.22 -1.86
N THR A 158 -28.29 -16.07 -0.54
N THR A 158 -28.28 -16.10 -0.53
CA THR A 158 -29.45 -16.58 0.19
CA THR A 158 -29.46 -16.57 0.21
C THR A 158 -30.47 -15.48 0.41
C THR A 158 -30.47 -15.48 0.43
N TRP A 159 -30.02 -14.22 0.38
CA TRP A 159 -30.92 -13.09 0.61
C TRP A 159 -32.18 -13.11 -0.26
N PRO A 160 -32.07 -13.53 -1.54
CA PRO A 160 -33.32 -13.47 -2.30
C PRO A 160 -34.46 -14.27 -1.66
N LEU A 161 -34.10 -15.40 -1.06
CA LEU A 161 -35.07 -16.26 -0.39
C LEU A 161 -35.45 -15.65 0.94
N ILE A 162 -34.48 -15.08 1.66
CA ILE A 162 -34.78 -14.44 2.94
C ILE A 162 -35.75 -13.28 2.75
N ALA A 163 -35.66 -12.61 1.60
CA ALA A 163 -36.45 -11.41 1.38
C ALA A 163 -37.82 -11.73 0.86
N ALA A 164 -37.92 -12.86 0.17
CA ALA A 164 -39.11 -13.22 -0.59
C ALA A 164 -40.41 -12.91 0.17
N ASP A 165 -40.48 -13.36 1.41
CA ASP A 165 -41.72 -13.27 2.17
C ASP A 165 -41.72 -12.15 3.20
N GLY A 166 -40.77 -11.22 3.07
CA GLY A 166 -40.78 -10.02 3.90
C GLY A 166 -39.49 -9.60 4.59
N GLY A 167 -38.44 -10.41 4.54
CA GLY A 167 -37.19 -9.95 5.09
C GLY A 167 -36.74 -8.68 4.38
N TYR A 168 -36.10 -7.77 5.10
CA TYR A 168 -35.51 -6.59 4.46
C TYR A 168 -34.38 -6.06 5.33
N ALA A 169 -33.60 -5.16 4.74
CA ALA A 169 -32.39 -4.65 5.37
C ALA A 169 -32.68 -3.44 6.25
N PHE A 170 -32.75 -2.26 5.63
CA PHE A 170 -33.17 -1.07 6.32
C PHE A 170 -34.43 -0.57 5.67
N LYS A 171 -35.42 -0.22 6.50
CA LYS A 171 -36.67 0.28 5.97
C LYS A 171 -36.46 1.58 5.28
N TYR A 172 -37.05 1.67 4.10
CA TYR A 172 -37.03 2.87 3.28
C TYR A 172 -38.32 3.64 3.48
N GLU A 173 -38.16 4.79 4.09
CA GLU A 173 -39.25 5.66 4.46
C GLU A 173 -38.95 7.07 4.13
N ASN A 174 -39.97 7.85 3.75
CA ASN A 174 -39.80 9.26 3.37
C ASN A 174 -39.04 9.08 2.13
N GLY A 175 -37.86 9.64 2.12
CA GLY A 175 -36.93 9.35 1.04
C GLY A 175 -35.61 8.79 1.58
N LYS A 176 -35.65 8.24 2.78
CA LYS A 176 -34.46 7.84 3.53
C LYS A 176 -34.51 6.37 3.93
N TYR A 177 -33.34 5.78 4.13
CA TYR A 177 -33.27 4.49 4.81
C TYR A 177 -33.19 4.72 6.31
N ASP A 178 -34.15 4.14 7.03
CA ASP A 178 -34.15 4.20 8.47
C ASP A 178 -33.27 3.10 9.04
N ILE A 179 -32.07 3.47 9.44
CA ILE A 179 -31.12 2.47 9.90
C ILE A 179 -31.45 1.97 11.30
N LYS A 180 -32.57 2.44 11.85
CA LYS A 180 -33.06 1.93 13.12
C LYS A 180 -34.18 0.91 12.90
N ASP A 181 -34.62 0.79 11.64
CA ASP A 181 -35.68 -0.16 11.31
C ASP A 181 -35.09 -1.23 10.40
N VAL A 182 -34.56 -2.26 11.08
CA VAL A 182 -33.87 -3.38 10.46
C VAL A 182 -34.80 -4.57 10.39
N GLY A 183 -34.83 -5.26 9.24
CA GLY A 183 -35.79 -6.32 9.03
C GLY A 183 -35.28 -7.73 8.80
N VAL A 184 -34.16 -8.09 9.42
CA VAL A 184 -33.59 -9.41 9.22
C VAL A 184 -34.15 -10.45 10.19
N ASP A 185 -34.97 -10.01 11.14
CA ASP A 185 -35.53 -10.91 12.17
C ASP A 185 -37.06 -10.83 12.22
N ASN A 186 -37.72 -10.51 11.11
CA ASN A 186 -39.18 -10.57 11.11
C ASN A 186 -39.65 -11.91 10.63
N ALA A 187 -40.96 -12.06 10.52
CA ALA A 187 -41.57 -13.34 10.17
C ALA A 187 -41.13 -13.87 8.80
N GLY A 188 -41.09 -12.99 7.80
CA GLY A 188 -40.72 -13.41 6.46
C GLY A 188 -39.27 -13.87 6.40
N ALA A 189 -38.41 -13.09 7.02
CA ALA A 189 -37.02 -13.45 7.16
C ALA A 189 -36.86 -14.83 7.80
N LYS A 190 -37.56 -15.06 8.91
CA LYS A 190 -37.49 -16.35 9.60
C LYS A 190 -37.97 -17.46 8.69
N ALA A 191 -39.10 -17.21 8.02
CA ALA A 191 -39.67 -18.23 7.14
C ALA A 191 -38.68 -18.62 6.04
N GLY A 192 -38.08 -17.62 5.39
CA GLY A 192 -37.13 -17.90 4.33
C GLY A 192 -35.91 -18.66 4.83
N LEU A 193 -35.34 -18.22 5.95
CA LEU A 193 -34.11 -18.84 6.40
C LEU A 193 -34.41 -20.25 6.89
N THR A 194 -35.57 -20.40 7.52
CA THR A 194 -36.03 -21.71 7.99
C THR A 194 -36.18 -22.65 6.81
N PHE A 195 -36.75 -22.16 5.72
CA PHE A 195 -36.91 -23.03 4.56
C PHE A 195 -35.57 -23.52 4.03
N LEU A 196 -34.57 -22.65 4.02
CA LEU A 196 -33.22 -23.07 3.63
C LEU A 196 -32.64 -24.06 4.65
N VAL A 197 -32.86 -23.81 5.93
CA VAL A 197 -32.26 -24.68 6.93
C VAL A 197 -32.84 -26.10 6.77
N ASP A 198 -34.13 -26.19 6.45
CA ASP A 198 -34.76 -27.48 6.23
C ASP A 198 -34.22 -28.17 4.98
N LEU A 199 -33.76 -27.40 3.99
CA LEU A 199 -33.22 -28.04 2.79
C LEU A 199 -31.98 -28.82 3.19
N ILE A 200 -31.19 -28.20 4.06
CA ILE A 200 -29.95 -28.80 4.52
C ILE A 200 -30.32 -30.00 5.46
N LYS A 201 -31.18 -29.75 6.45
CA LYS A 201 -31.59 -30.80 7.39
C LYS A 201 -32.07 -32.05 6.69
N ASN A 202 -32.81 -31.86 5.61
CA ASN A 202 -33.34 -32.96 4.81
C ASN A 202 -32.40 -33.41 3.69
N LYS A 203 -31.14 -33.04 3.79
CA LYS A 203 -30.08 -33.56 2.93
C LYS A 203 -30.26 -33.17 1.45
N HIS A 204 -30.98 -32.09 1.19
CA HIS A 204 -31.09 -31.58 -0.17
C HIS A 204 -29.99 -30.59 -0.52
N MET A 205 -29.22 -30.23 0.47
CA MET A 205 -28.14 -29.29 0.31
C MET A 205 -27.17 -29.44 1.46
N ASN A 206 -25.91 -29.19 1.19
CA ASN A 206 -24.87 -29.23 2.19
C ASN A 206 -24.47 -27.82 2.67
N ALA A 207 -24.39 -27.64 3.98
CA ALA A 207 -24.15 -26.33 4.58
C ALA A 207 -22.81 -25.77 4.18
N ASP A 208 -21.90 -26.67 3.81
CA ASP A 208 -20.54 -26.28 3.47
C ASP A 208 -20.35 -25.86 2.00
N THR A 209 -21.43 -25.86 1.23
CA THR A 209 -21.31 -25.58 -0.21
C THR A 209 -20.95 -24.12 -0.39
N ASP A 210 -19.87 -23.88 -1.14
CA ASP A 210 -19.38 -22.53 -1.41
C ASP A 210 -19.44 -22.24 -2.90
N TYR A 211 -18.85 -21.14 -3.31
CA TYR A 211 -18.97 -20.74 -4.71
C TYR A 211 -18.38 -21.76 -5.68
N SER A 212 -17.15 -22.17 -5.42
CA SER A 212 -16.44 -22.98 -6.40
C SER A 212 -17.01 -24.42 -6.43
N ILE A 213 -17.48 -24.90 -5.29
CA ILE A 213 -18.12 -26.22 -5.25
C ILE A 213 -19.39 -26.24 -6.10
N ALA A 214 -20.23 -25.21 -5.96
CA ALA A 214 -21.49 -25.20 -6.65
C ALA A 214 -21.27 -25.02 -8.15
N GLU A 215 -20.25 -24.24 -8.50
CA GLU A 215 -19.94 -23.97 -9.88
C GLU A 215 -19.41 -25.21 -10.59
N ALA A 216 -18.46 -25.90 -9.96
CA ALA A 216 -17.88 -27.13 -10.52
C ALA A 216 -18.97 -28.16 -10.76
N ALA A 217 -19.85 -28.32 -9.78
CA ALA A 217 -20.95 -29.27 -9.87
C ALA A 217 -21.92 -28.92 -11.00
N PHE A 218 -22.37 -27.67 -11.09
CA PHE A 218 -23.26 -27.34 -12.20
C PHE A 218 -22.57 -27.54 -13.53
N ASN A 219 -21.36 -27.01 -13.65
CA ASN A 219 -20.67 -27.02 -14.94
C ASN A 219 -20.23 -28.40 -15.36
N LYS A 220 -20.23 -29.34 -14.42
CA LYS A 220 -19.89 -30.74 -14.71
C LYS A 220 -21.14 -31.61 -14.94
N GLY A 221 -22.32 -31.00 -14.92
CA GLY A 221 -23.56 -31.70 -15.16
C GLY A 221 -24.09 -32.55 -14.01
N GLU A 222 -23.67 -32.24 -12.77
CA GLU A 222 -24.04 -33.06 -11.61
C GLU A 222 -25.26 -32.56 -10.85
N THR A 223 -25.55 -31.26 -10.93
CA THR A 223 -26.74 -30.71 -10.29
C THR A 223 -27.56 -29.99 -11.33
N ALA A 224 -28.88 -29.96 -11.13
CA ALA A 224 -29.81 -29.44 -12.11
C ALA A 224 -29.87 -27.93 -12.20
N MET A 225 -29.50 -27.28 -11.10
CA MET A 225 -29.74 -25.85 -10.95
C MET A 225 -28.70 -25.21 -10.08
N THR A 226 -28.37 -23.96 -10.39
CA THR A 226 -27.60 -23.13 -9.48
C THR A 226 -28.18 -21.71 -9.46
N ILE A 227 -27.68 -20.87 -8.57
CA ILE A 227 -28.11 -19.49 -8.46
C ILE A 227 -26.83 -18.69 -8.62
N ASN A 228 -26.80 -17.82 -9.63
CA ASN A 228 -25.61 -17.04 -9.84
C ASN A 228 -25.84 -15.86 -10.74
N GLY A 229 -24.81 -15.04 -10.88
CA GLY A 229 -24.89 -13.83 -11.69
C GLY A 229 -24.36 -13.99 -13.12
N PRO A 230 -24.53 -12.94 -13.94
CA PRO A 230 -24.08 -12.93 -15.34
C PRO A 230 -22.63 -13.35 -15.47
N TRP A 231 -21.81 -13.00 -14.50
CA TRP A 231 -20.39 -13.28 -14.60
C TRP A 231 -20.10 -14.78 -14.72
N ALA A 232 -21.05 -15.60 -14.32
CA ALA A 232 -20.83 -17.05 -14.26
C ALA A 232 -21.10 -17.71 -15.62
N TRP A 233 -21.71 -16.98 -16.54
CA TRP A 233 -22.20 -17.59 -17.77
C TRP A 233 -21.05 -18.02 -18.68
N SER A 234 -19.92 -17.35 -18.56
CA SER A 234 -18.80 -17.65 -19.45
CA SER A 234 -18.78 -17.64 -19.42
C SER A 234 -18.29 -19.08 -19.21
N ASN A 235 -18.20 -19.49 -17.95
CA ASN A 235 -17.69 -20.81 -17.63
C ASN A 235 -18.67 -21.93 -17.93
N ILE A 236 -19.95 -21.61 -17.95
CA ILE A 236 -20.95 -22.61 -18.29
C ILE A 236 -20.87 -22.78 -19.81
N ASP A 237 -20.73 -21.69 -20.55
CA ASP A 237 -20.53 -21.72 -22.01
C ASP A 237 -19.41 -22.67 -22.35
N THR A 238 -18.32 -22.52 -21.61
CA THR A 238 -17.08 -23.25 -21.84
C THR A 238 -17.20 -24.75 -21.49
N SER A 239 -18.19 -25.10 -20.66
CA SER A 239 -18.38 -26.47 -20.25
C SER A 239 -19.45 -27.16 -21.07
N LYS A 240 -20.08 -26.43 -21.98
CA LYS A 240 -21.04 -27.02 -22.91
C LYS A 240 -22.26 -27.69 -22.22
N VAL A 241 -22.51 -27.39 -20.96
CA VAL A 241 -23.82 -27.64 -20.38
C VAL A 241 -24.80 -26.82 -21.19
N ASN A 242 -25.90 -27.43 -21.60
CA ASN A 242 -26.94 -26.69 -22.24
C ASN A 242 -27.86 -26.04 -21.20
N TYR A 243 -27.60 -24.77 -20.88
CA TYR A 243 -28.27 -24.10 -19.76
C TYR A 243 -29.23 -23.01 -20.14
N GLY A 244 -30.14 -22.71 -19.23
CA GLY A 244 -31.07 -21.60 -19.36
C GLY A 244 -30.92 -20.70 -18.15
N VAL A 245 -31.33 -19.45 -18.32
CA VAL A 245 -31.36 -18.47 -17.26
C VAL A 245 -32.79 -18.01 -17.12
N THR A 246 -33.32 -18.03 -15.90
CA THR A 246 -34.75 -17.76 -15.72
C THR A 246 -35.04 -17.10 -14.37
N VAL A 247 -36.31 -16.77 -14.16
CA VAL A 247 -36.76 -16.10 -12.95
C VAL A 247 -36.55 -17.03 -11.78
N LEU A 248 -36.20 -16.48 -10.62
CA LEU A 248 -36.00 -17.29 -9.43
C LEU A 248 -37.33 -17.88 -8.95
N PRO A 249 -37.25 -19.04 -8.29
CA PRO A 249 -38.49 -19.59 -7.73
C PRO A 249 -39.15 -18.67 -6.72
N THR A 250 -40.45 -18.78 -6.60
CA THR A 250 -41.18 -18.05 -5.60
C THR A 250 -41.13 -18.86 -4.30
N PHE A 251 -41.54 -18.23 -3.22
CA PHE A 251 -41.60 -18.86 -1.91
C PHE A 251 -42.82 -18.28 -1.26
N LYS A 252 -43.70 -19.16 -0.79
CA LYS A 252 -45.00 -18.77 -0.26
C LYS A 252 -45.74 -17.87 -1.23
N GLY A 253 -45.56 -18.14 -2.53
CA GLY A 253 -46.21 -17.37 -3.58
C GLY A 253 -45.68 -15.96 -3.80
N GLN A 254 -44.57 -15.62 -3.16
CA GLN A 254 -43.93 -14.33 -3.36
C GLN A 254 -42.67 -14.56 -4.20
N PRO A 255 -42.34 -13.63 -5.11
CA PRO A 255 -41.09 -13.76 -5.85
C PRO A 255 -39.89 -13.64 -4.94
N SER A 256 -38.84 -14.39 -5.23
CA SER A 256 -37.55 -14.09 -4.66
C SER A 256 -37.14 -12.65 -5.00
N LYS A 257 -36.50 -11.99 -4.04
CA LYS A 257 -36.18 -10.58 -4.17
C LYS A 257 -34.69 -10.35 -3.98
N PRO A 258 -33.89 -10.62 -5.02
CA PRO A 258 -32.45 -10.45 -4.91
C PRO A 258 -32.10 -9.00 -4.71
N PHE A 259 -31.04 -8.78 -3.95
CA PHE A 259 -30.47 -7.49 -3.82
C PHE A 259 -29.65 -7.21 -5.07
N VAL A 260 -29.92 -6.07 -5.70
CA VAL A 260 -29.36 -5.75 -7.03
C VAL A 260 -28.16 -4.84 -6.86
N GLY A 261 -27.05 -5.20 -7.49
CA GLY A 261 -25.85 -4.43 -7.41
C GLY A 261 -25.58 -3.74 -8.74
N VAL A 262 -24.92 -2.60 -8.65
CA VAL A 262 -24.44 -1.88 -9.80
C VAL A 262 -22.94 -1.87 -9.71
N LEU A 263 -22.31 -2.72 -10.50
CA LEU A 263 -20.87 -2.68 -10.61
C LEU A 263 -20.47 -1.24 -10.98
N SER A 264 -19.53 -0.68 -10.22
CA SER A 264 -19.18 0.72 -10.31
C SER A 264 -17.70 0.92 -10.17
N ALA A 265 -17.21 2.03 -10.71
CA ALA A 265 -15.79 2.32 -10.69
C ALA A 265 -15.54 3.65 -10.03
N GLY A 266 -14.79 3.58 -8.93
CA GLY A 266 -14.48 4.73 -8.11
C GLY A 266 -13.07 5.17 -8.37
N ILE A 267 -12.82 6.47 -8.26
CA ILE A 267 -11.49 6.99 -8.37
C ILE A 267 -10.98 7.36 -6.97
N ASN A 268 -9.82 6.84 -6.67
CA ASN A 268 -9.15 7.02 -5.40
C ASN A 268 -8.84 8.47 -5.13
N ALA A 269 -9.32 8.96 -3.99
CA ALA A 269 -9.15 10.35 -3.60
C ALA A 269 -7.66 10.69 -3.57
N ALA A 270 -6.84 9.68 -3.28
CA ALA A 270 -5.41 9.88 -3.11
C ALA A 270 -4.61 9.87 -4.44
N SER A 271 -5.25 9.45 -5.53
CA SER A 271 -4.58 9.37 -6.85
C SER A 271 -4.13 10.71 -7.47
N PRO A 272 -2.90 10.76 -8.03
CA PRO A 272 -2.48 11.95 -8.78
C PRO A 272 -2.80 11.80 -10.27
N ASN A 273 -3.58 10.77 -10.58
CA ASN A 273 -4.05 10.46 -11.94
C ASN A 273 -5.58 10.60 -12.17
N LYS A 274 -6.21 11.51 -11.43
CA LYS A 274 -7.66 11.64 -11.49
C LYS A 274 -8.15 11.94 -12.89
N GLU A 275 -7.39 12.77 -13.61
N GLU A 275 -7.46 12.81 -13.63
CA GLU A 275 -7.77 13.23 -14.94
CA GLU A 275 -7.95 13.15 -14.98
C GLU A 275 -7.64 12.08 -15.93
C GLU A 275 -7.72 11.96 -15.91
N LEU A 276 -6.54 11.35 -15.83
CA LEU A 276 -6.28 10.16 -16.64
C LEU A 276 -7.29 9.06 -16.36
N ALA A 277 -7.65 8.88 -15.09
CA ALA A 277 -8.62 7.85 -14.71
C ALA A 277 -9.98 8.16 -15.32
N LYS A 278 -10.37 9.44 -15.26
CA LYS A 278 -11.62 9.85 -15.85
C LYS A 278 -11.66 9.57 -17.34
N GLU A 279 -10.59 9.90 -18.04
CA GLU A 279 -10.59 9.67 -19.47
CA GLU A 279 -10.56 9.68 -19.48
C GLU A 279 -10.53 8.18 -19.78
N PHE A 280 -9.83 7.40 -18.97
CA PHE A 280 -9.92 5.95 -19.18
C PHE A 280 -11.37 5.48 -19.04
N LEU A 281 -11.99 5.80 -17.90
CA LEU A 281 -13.35 5.37 -17.63
C LEU A 281 -14.38 5.92 -18.66
N GLU A 282 -14.33 7.21 -18.95
CA GLU A 282 -15.36 7.79 -19.80
C GLU A 282 -15.13 7.50 -21.27
N ASN A 283 -13.88 7.57 -21.69
CA ASN A 283 -13.57 7.52 -23.15
C ASN A 283 -13.06 6.19 -23.66
N TYR A 284 -12.72 5.27 -22.77
CA TYR A 284 -12.30 3.93 -23.21
C TYR A 284 -13.21 2.83 -22.69
N LEU A 285 -13.53 2.83 -21.39
CA LEU A 285 -14.30 1.74 -20.83
C LEU A 285 -15.76 1.84 -21.13
N LEU A 286 -16.37 3.00 -20.84
CA LEU A 286 -17.82 3.18 -21.07
C LEU A 286 -18.11 3.57 -22.53
N THR A 287 -17.61 2.72 -23.41
CA THR A 287 -17.94 2.72 -24.84
C THR A 287 -18.42 1.35 -25.20
N ASP A 288 -19.11 1.26 -26.34
CA ASP A 288 -19.54 -0.02 -26.87
C ASP A 288 -18.37 -0.99 -26.93
N GLU A 289 -17.21 -0.52 -27.39
N GLU A 289 -17.24 -0.55 -27.47
CA GLU A 289 -16.07 -1.39 -27.64
CA GLU A 289 -16.09 -1.44 -27.61
C GLU A 289 -15.29 -1.72 -26.34
C GLU A 289 -15.56 -1.81 -26.24
N GLY A 290 -15.35 -0.82 -25.38
CA GLY A 290 -14.76 -1.08 -24.08
C GLY A 290 -15.56 -2.14 -23.35
N LEU A 291 -16.86 -1.91 -23.21
CA LEU A 291 -17.68 -2.84 -22.45
C LEU A 291 -17.78 -4.19 -23.14
N GLU A 292 -17.81 -4.19 -24.46
CA GLU A 292 -17.74 -5.44 -25.19
C GLU A 292 -16.58 -6.29 -24.80
N ALA A 293 -15.40 -5.68 -24.76
CA ALA A 293 -14.18 -6.42 -24.46
C ALA A 293 -14.26 -7.08 -23.06
N VAL A 294 -14.80 -6.36 -22.09
CA VAL A 294 -14.95 -6.91 -20.73
C VAL A 294 -16.00 -8.01 -20.74
N ASN A 295 -17.10 -7.76 -21.44
CA ASN A 295 -18.26 -8.64 -21.47
C ASN A 295 -17.88 -9.96 -22.09
N LYS A 296 -17.07 -9.89 -23.14
CA LYS A 296 -16.59 -11.11 -23.81
C LYS A 296 -15.76 -11.97 -22.86
N ASP A 297 -15.10 -11.35 -21.90
CA ASP A 297 -14.32 -12.10 -20.94
C ASP A 297 -15.27 -12.78 -19.95
N LYS A 298 -16.04 -11.96 -19.23
N LYS A 298 -16.03 -11.95 -19.23
CA LYS A 298 -17.10 -12.47 -18.38
CA LYS A 298 -17.10 -12.42 -18.36
C LYS A 298 -18.26 -11.51 -18.49
C LYS A 298 -18.27 -11.48 -18.52
N PRO A 299 -19.48 -12.02 -18.79
CA PRO A 299 -20.61 -11.11 -18.94
C PRO A 299 -20.88 -10.19 -17.75
N LEU A 300 -21.23 -8.97 -18.12
CA LEU A 300 -21.34 -7.88 -17.18
C LEU A 300 -22.71 -7.79 -16.55
N GLY A 301 -23.71 -8.36 -17.23
CA GLY A 301 -25.10 -8.07 -16.92
C GLY A 301 -25.70 -7.03 -17.85
N ALA A 302 -26.72 -6.30 -17.38
CA ALA A 302 -27.34 -5.28 -18.20
C ALA A 302 -26.56 -3.99 -17.97
N VAL A 303 -25.81 -3.59 -18.97
CA VAL A 303 -24.87 -2.49 -18.78
C VAL A 303 -25.58 -1.14 -18.60
N ALA A 304 -24.89 -0.18 -17.97
CA ALA A 304 -25.47 1.12 -17.69
C ALA A 304 -25.50 1.96 -18.97
N LEU A 305 -24.59 1.67 -19.89
CA LEU A 305 -24.48 2.42 -21.12
C LEU A 305 -25.62 2.08 -22.07
N LYS A 306 -26.51 3.05 -22.33
CA LYS A 306 -27.74 2.77 -23.10
C LYS A 306 -27.46 2.13 -24.45
N SER A 307 -26.43 2.61 -25.12
CA SER A 307 -26.20 2.20 -26.49
C SER A 307 -25.85 0.71 -26.62
N TYR A 308 -25.09 0.19 -25.66
CA TYR A 308 -24.69 -1.22 -25.70
C TYR A 308 -25.76 -2.09 -25.05
N GLU A 309 -26.48 -1.54 -24.07
CA GLU A 309 -27.54 -2.33 -23.43
C GLU A 309 -28.62 -2.64 -24.45
N GLU A 310 -28.91 -1.68 -25.35
CA GLU A 310 -29.96 -1.88 -26.35
C GLU A 310 -29.74 -3.15 -27.14
N GLU A 311 -28.47 -3.47 -27.38
CA GLU A 311 -28.09 -4.71 -27.99
C GLU A 311 -28.20 -5.91 -27.02
N LEU A 312 -27.63 -5.77 -25.82
CA LEU A 312 -27.59 -6.88 -24.87
C LEU A 312 -28.99 -7.29 -24.42
N ALA A 313 -29.91 -6.32 -24.40
CA ALA A 313 -31.27 -6.55 -23.93
C ALA A 313 -32.01 -7.57 -24.80
N LYS A 314 -31.46 -7.86 -25.98
CA LYS A 314 -32.08 -8.83 -26.88
C LYS A 314 -31.83 -10.27 -26.45
N ASP A 315 -30.87 -10.45 -25.54
CA ASP A 315 -30.49 -11.77 -25.04
C ASP A 315 -31.48 -12.17 -23.94
N PRO A 316 -32.11 -13.34 -24.09
CA PRO A 316 -33.06 -13.81 -23.06
C PRO A 316 -32.42 -13.89 -21.66
N ARG A 317 -31.13 -14.19 -21.58
CA ARG A 317 -30.41 -14.28 -20.31
C ARG A 317 -30.45 -12.93 -19.61
N ILE A 318 -30.27 -11.87 -20.41
CA ILE A 318 -30.28 -10.51 -19.90
C ILE A 318 -31.69 -10.08 -19.54
N ALA A 319 -32.67 -10.48 -20.35
CA ALA A 319 -34.05 -10.18 -19.96
C ALA A 319 -34.38 -10.90 -18.66
N ALA A 320 -33.81 -12.09 -18.48
CA ALA A 320 -34.04 -12.86 -17.25
C ALA A 320 -33.37 -12.15 -16.07
N THR A 321 -32.17 -11.65 -16.30
CA THR A 321 -31.53 -10.83 -15.28
C THR A 321 -32.38 -9.61 -14.86
N MET A 322 -32.97 -8.89 -15.82
CA MET A 322 -33.71 -7.67 -15.48
C MET A 322 -35.07 -7.98 -14.85
N GLU A 323 -35.67 -9.11 -15.20
CA GLU A 323 -36.89 -9.54 -14.55
C GLU A 323 -36.65 -9.85 -13.07
N ASN A 324 -35.57 -10.54 -12.79
CA ASN A 324 -35.18 -10.80 -11.41
C ASN A 324 -34.82 -9.49 -10.71
N ALA A 325 -34.16 -8.58 -11.43
CA ALA A 325 -33.79 -7.29 -10.84
C ALA A 325 -35.04 -6.54 -10.42
N GLN A 326 -36.06 -6.61 -11.27
CA GLN A 326 -37.26 -5.82 -11.07
C GLN A 326 -38.02 -6.36 -9.87
N LYS A 327 -37.96 -7.66 -9.69
CA LYS A 327 -38.63 -8.27 -8.56
C LYS A 327 -37.88 -8.02 -7.25
N GLY A 328 -36.58 -7.76 -7.35
CA GLY A 328 -35.78 -7.45 -6.18
C GLY A 328 -35.71 -5.97 -5.90
N GLU A 329 -34.64 -5.57 -5.24
CA GLU A 329 -34.45 -4.18 -4.86
C GLU A 329 -33.01 -3.78 -5.10
N ILE A 330 -32.82 -2.52 -5.45
CA ILE A 330 -31.50 -1.93 -5.55
C ILE A 330 -30.93 -1.84 -4.17
N MET A 331 -29.65 -2.19 -4.01
CA MET A 331 -29.01 -2.10 -2.70
CA MET A 331 -29.01 -2.11 -2.71
C MET A 331 -28.86 -0.66 -2.31
N PRO A 332 -29.04 -0.37 -1.01
CA PRO A 332 -28.62 0.93 -0.53
C PRO A 332 -27.13 1.07 -0.75
N ASN A 333 -26.59 2.29 -0.76
CA ASN A 333 -25.13 2.48 -0.72
C ASN A 333 -24.66 3.03 0.61
N ILE A 334 -25.57 3.13 1.57
CA ILE A 334 -25.25 3.77 2.83
C ILE A 334 -24.11 3.01 3.54
N PRO A 335 -23.33 3.71 4.40
CA PRO A 335 -22.14 3.15 5.05
C PRO A 335 -22.45 1.95 5.92
N GLN A 336 -23.70 1.82 6.35
CA GLN A 336 -24.07 0.74 7.27
C GLN A 336 -24.22 -0.59 6.52
N MET A 337 -24.05 -0.57 5.19
CA MET A 337 -24.35 -1.78 4.41
C MET A 337 -23.39 -2.94 4.74
N SER A 338 -22.11 -2.66 4.97
CA SER A 338 -21.19 -3.78 5.22
C SER A 338 -21.49 -4.45 6.57
N ALA A 339 -21.80 -3.65 7.58
CA ALA A 339 -22.23 -4.20 8.89
C ALA A 339 -23.46 -5.07 8.73
N PHE A 340 -24.41 -4.63 7.91
CA PHE A 340 -25.59 -5.42 7.61
C PHE A 340 -25.18 -6.77 7.02
N TRP A 341 -24.29 -6.72 6.04
CA TRP A 341 -23.91 -7.94 5.32
C TRP A 341 -23.16 -8.89 6.24
N TYR A 342 -22.29 -8.37 7.10
CA TYR A 342 -21.55 -9.24 8.03
C TYR A 342 -22.54 -9.92 8.99
N ALA A 343 -23.49 -9.16 9.51
CA ALA A 343 -24.47 -9.66 10.46
C ALA A 343 -25.24 -10.81 9.87
N VAL A 344 -25.72 -10.62 8.65
CA VAL A 344 -26.42 -11.66 7.93
C VAL A 344 -25.54 -12.81 7.47
N ARG A 345 -24.29 -12.55 7.13
CA ARG A 345 -23.40 -13.64 6.79
C ARG A 345 -23.34 -14.62 7.96
N THR A 346 -23.05 -14.07 9.14
CA THR A 346 -22.95 -14.85 10.35
C THR A 346 -24.22 -15.68 10.64
N ALA A 347 -25.40 -15.05 10.56
CA ALA A 347 -26.67 -15.70 10.83
C ALA A 347 -26.91 -16.88 9.92
N VAL A 348 -26.70 -16.69 8.63
CA VAL A 348 -26.94 -17.74 7.67
C VAL A 348 -25.99 -18.90 7.91
N ILE A 349 -24.71 -18.62 8.13
CA ILE A 349 -23.76 -19.69 8.27
C ILE A 349 -24.04 -20.48 9.57
N ASN A 350 -24.44 -19.77 10.61
CA ASN A 350 -24.72 -20.43 11.89
C ASN A 350 -25.99 -21.28 11.86
N ALA A 351 -27.03 -20.76 11.22
CA ALA A 351 -28.28 -21.48 11.15
C ALA A 351 -28.12 -22.70 10.26
N ALA A 352 -27.42 -22.53 9.16
CA ALA A 352 -27.28 -23.60 8.19
C ALA A 352 -26.44 -24.76 8.75
N SER A 353 -25.49 -24.45 9.61
CA SER A 353 -24.55 -25.45 10.11
C SER A 353 -25.07 -26.12 11.37
N GLY A 354 -26.14 -25.57 11.93
CA GLY A 354 -26.71 -26.10 13.16
C GLY A 354 -26.10 -25.56 14.44
N ARG A 355 -25.25 -24.55 14.34
CA ARG A 355 -24.63 -23.99 15.54
C ARG A 355 -25.61 -23.10 16.30
N GLN A 356 -26.76 -22.84 15.69
CA GLN A 356 -27.68 -21.86 16.22
C GLN A 356 -29.02 -22.08 15.58
N THR A 357 -30.09 -21.75 16.28
CA THR A 357 -31.41 -21.84 15.68
C THR A 357 -31.58 -20.67 14.76
N VAL A 358 -32.55 -20.77 13.86
CA VAL A 358 -32.92 -19.69 12.97
C VAL A 358 -33.27 -18.46 13.78
N ASP A 359 -34.20 -18.61 14.71
CA ASP A 359 -34.69 -17.49 15.49
C ASP A 359 -33.58 -16.81 16.29
N ALA A 360 -32.65 -17.59 16.82
CA ALA A 360 -31.58 -17.02 17.60
C ALA A 360 -30.57 -16.33 16.68
N ALA A 361 -30.30 -16.97 15.56
CA ALA A 361 -29.32 -16.45 14.63
C ALA A 361 -29.79 -15.09 14.09
N LEU A 362 -31.05 -15.01 13.67
CA LEU A 362 -31.58 -13.74 13.18
C LEU A 362 -31.79 -12.69 14.29
N ALA A 363 -32.00 -13.11 15.53
CA ALA A 363 -32.11 -12.10 16.60
C ALA A 363 -30.74 -11.44 16.77
N ALA A 364 -29.71 -12.27 16.73
CA ALA A 364 -28.36 -11.76 16.82
C ALA A 364 -28.04 -10.88 15.59
N ALA A 365 -28.51 -11.28 14.42
CA ALA A 365 -28.24 -10.47 13.23
C ALA A 365 -28.87 -9.08 13.36
N GLN A 366 -30.06 -8.99 13.98
CA GLN A 366 -30.70 -7.67 14.08
C GLN A 366 -29.89 -6.76 14.97
N THR A 367 -29.31 -7.34 16.02
CA THR A 367 -28.50 -6.57 16.92
C THR A 367 -27.14 -6.20 16.27
N ASN A 368 -26.56 -7.17 15.58
CA ASN A 368 -25.25 -6.98 14.98
C ASN A 368 -25.25 -6.04 13.79
N ALA A 369 -26.40 -5.96 13.11
CA ALA A 369 -26.53 -5.04 11.97
C ALA A 369 -26.32 -3.58 12.40
N ALA A 370 -26.62 -3.27 13.66
CA ALA A 370 -26.33 -1.93 14.21
C ALA A 370 -24.88 -1.73 14.64
N ALA A 371 -24.12 -2.82 14.75
CA ALA A 371 -22.74 -2.75 15.21
C ALA A 371 -21.77 -2.79 14.01
N ASN A 372 -20.66 -3.51 14.16
CA ASN A 372 -19.57 -3.58 13.17
C ASN A 372 -18.86 -4.93 13.36
N GLN A 373 -18.22 -5.44 12.31
N GLN A 373 -18.24 -5.46 12.31
CA GLN A 373 -17.49 -6.71 12.38
CA GLN A 373 -17.59 -6.77 12.42
C GLN A 373 -16.38 -6.60 13.40
C GLN A 373 -16.40 -6.65 13.36
N ALA A 374 -16.45 -7.44 14.43
CA ALA A 374 -15.42 -7.48 15.46
C ALA A 374 -14.42 -8.59 15.17
N SER A 375 -13.20 -8.41 15.66
CA SER A 375 -12.16 -9.43 15.47
C SER A 375 -11.63 -9.98 16.79
N VAL A 376 -10.99 -11.14 16.73
CA VAL A 376 -10.34 -11.72 17.92
C VAL A 376 -9.12 -10.87 18.30
N VAL A 377 -9.02 -10.51 19.59
CA VAL A 377 -7.89 -9.77 20.15
C VAL A 377 -7.37 -10.55 21.35
N ALA A 378 -6.05 -10.62 21.52
CA ALA A 378 -5.49 -11.38 22.65
C ALA A 378 -5.78 -10.70 23.97
N ASN A 379 -6.43 -11.44 24.86
CA ASN A 379 -6.74 -10.91 26.19
C ASN A 379 -5.63 -11.20 27.22
N GLN A 380 -4.61 -11.95 26.79
CA GLN A 380 -3.43 -12.33 27.58
C GLN A 380 -2.26 -12.43 26.58
N LEU A 381 -1.02 -12.21 27.02
CA LEU A 381 0.13 -12.80 26.31
C LEU A 381 -0.13 -14.26 26.04
N ILE A 382 -0.08 -14.64 24.77
CA ILE A 382 -0.29 -16.02 24.38
C ILE A 382 1.04 -16.55 23.85
N PRO A 383 1.74 -17.34 24.67
CA PRO A 383 3.01 -17.85 24.15
C PRO A 383 2.87 -18.81 22.94
N ILE A 384 3.94 -18.89 22.15
CA ILE A 384 3.97 -19.75 20.96
C ILE A 384 3.63 -21.17 21.33
N ASN A 385 2.84 -21.78 20.46
CA ASN A 385 2.34 -23.14 20.60
C ASN A 385 1.24 -23.34 21.68
N THR A 386 0.76 -22.28 22.29
CA THR A 386 -0.30 -22.43 23.33
C THR A 386 -1.61 -22.81 22.69
N ALA A 387 -2.28 -23.81 23.27
CA ALA A 387 -3.64 -24.12 22.88
C ALA A 387 -4.58 -23.04 23.47
N LEU A 388 -5.37 -22.44 22.60
CA LEU A 388 -6.21 -21.31 22.97
C LEU A 388 -7.35 -21.70 23.92
N THR A 389 -7.53 -20.91 24.98
CA THR A 389 -8.74 -20.97 25.80
C THR A 389 -9.51 -19.64 25.72
N LEU A 390 -10.74 -19.58 26.24
CA LEU A 390 -11.57 -18.37 26.09
C LEU A 390 -10.91 -17.19 26.78
N VAL A 391 -10.21 -17.43 27.88
CA VAL A 391 -9.69 -16.33 28.63
C VAL A 391 -8.55 -15.66 27.85
N MET A 392 -8.05 -16.34 26.83
CA MET A 392 -6.99 -15.76 25.98
C MET A 392 -7.52 -14.82 24.87
N MET A 393 -8.82 -14.84 24.64
CA MET A 393 -9.41 -14.17 23.48
C MET A 393 -10.57 -13.22 23.86
N ARG A 394 -10.51 -11.99 23.41
CA ARG A 394 -11.65 -11.09 23.53
C ARG A 394 -11.94 -10.53 22.16
N SER A 395 -13.00 -9.74 22.07
CA SER A 395 -13.52 -9.22 20.82
C SER A 395 -13.45 -7.70 20.78
N GLU A 396 -13.04 -7.14 19.63
CA GLU A 396 -12.84 -5.71 19.43
C GLU A 396 -13.05 -5.36 17.95
N VAL A 397 -13.67 -4.20 17.71
CA VAL A 397 -13.78 -3.70 16.36
C VAL A 397 -12.48 -3.01 16.08
N VAL A 398 -11.70 -3.64 15.22
CA VAL A 398 -10.38 -3.15 14.90
C VAL A 398 -10.23 -3.15 13.39
N THR A 399 -9.33 -2.30 12.92
CA THR A 399 -8.82 -2.35 11.55
C THR A 399 -7.29 -2.40 11.56
N PRO A 400 -6.69 -3.32 10.80
CA PRO A 400 -7.29 -4.26 9.85
C PRO A 400 -8.06 -5.34 10.56
N VAL A 401 -9.02 -5.93 9.86
N VAL A 401 -9.11 -5.86 9.96
CA VAL A 401 -9.88 -7.01 10.36
CA VAL A 401 -9.88 -6.89 10.64
C VAL A 401 -9.15 -8.34 10.51
C VAL A 401 -8.97 -8.09 10.78
N GLY A 402 -9.37 -9.02 11.64
CA GLY A 402 -8.63 -10.21 11.96
C GLY A 402 -9.53 -11.40 11.84
N ILE A 403 -9.20 -12.49 12.52
CA ILE A 403 -10.12 -13.60 12.62
C ILE A 403 -11.47 -13.08 13.18
N PRO A 404 -12.62 -13.47 12.58
CA PRO A 404 -13.89 -12.98 13.10
C PRO A 404 -14.08 -13.38 14.56
N ALA A 405 -14.50 -12.43 15.39
CA ALA A 405 -14.80 -12.71 16.81
C ALA A 405 -15.76 -13.85 16.96
N GLU A 406 -16.69 -13.98 16.01
CA GLU A 406 -17.60 -15.11 16.02
C GLU A 406 -16.93 -16.50 16.00
N ASP A 407 -15.65 -16.55 15.66
CA ASP A 407 -14.88 -17.82 15.61
C ASP A 407 -14.23 -18.24 16.95
N ILE A 408 -14.29 -17.39 17.97
CA ILE A 408 -13.64 -17.70 19.25
C ILE A 408 -13.97 -19.15 19.77
N PRO A 409 -15.24 -19.53 19.86
CA PRO A 409 -15.53 -20.90 20.32
C PRO A 409 -14.77 -21.98 19.59
N ARG A 410 -14.74 -21.90 18.27
CA ARG A 410 -14.02 -22.85 17.45
C ARG A 410 -12.52 -22.72 17.60
N LEU A 411 -12.00 -21.55 17.99
CA LEU A 411 -10.56 -21.48 18.21
C LEU A 411 -10.07 -22.27 19.42
N VAL A 412 -10.98 -22.64 20.32
CA VAL A 412 -10.54 -23.24 21.58
C VAL A 412 -9.85 -24.55 21.30
N SER A 413 -8.60 -24.63 21.77
CA SER A 413 -7.74 -25.84 21.68
C SER A 413 -6.80 -25.79 20.47
N MET A 414 -7.04 -24.88 19.54
CA MET A 414 -6.13 -24.68 18.43
C MET A 414 -4.93 -23.89 18.90
N GLN A 415 -3.79 -24.10 18.23
CA GLN A 415 -2.53 -23.50 18.64
C GLN A 415 -2.12 -22.29 17.86
N VAL A 416 -1.52 -21.30 18.53
CA VAL A 416 -0.90 -20.19 17.84
C VAL A 416 0.53 -20.56 17.41
N ASN A 417 1.01 -19.94 16.33
CA ASN A 417 2.31 -20.31 15.76
C ASN A 417 3.33 -19.21 15.96
N ARG A 418 2.93 -18.20 16.70
CA ARG A 418 3.85 -17.14 17.11
C ARG A 418 3.41 -16.72 18.50
N ALA A 419 4.30 -16.06 19.23
CA ALA A 419 3.93 -15.38 20.47
C ALA A 419 2.99 -14.20 20.14
N VAL A 420 1.84 -14.18 20.79
CA VAL A 420 0.86 -13.11 20.59
C VAL A 420 0.74 -12.26 21.81
N PRO A 421 1.33 -11.04 21.76
CA PRO A 421 1.23 -10.14 22.90
C PRO A 421 -0.19 -9.69 23.23
N LEU A 422 -0.36 -9.34 24.48
CA LEU A 422 -1.62 -8.76 24.93
C LEU A 422 -2.05 -7.61 24.03
N GLY A 423 -3.28 -7.66 23.56
CA GLY A 423 -3.85 -6.53 22.84
C GLY A 423 -3.61 -6.61 21.34
N THR A 424 -2.94 -7.68 20.91
CA THR A 424 -2.69 -7.93 19.46
C THR A 424 -3.85 -8.53 18.76
N THR A 425 -4.17 -8.05 17.56
CA THR A 425 -5.25 -8.66 16.79
C THR A 425 -4.79 -10.02 16.28
N LEU A 426 -5.56 -11.05 16.57
CA LEU A 426 -5.25 -12.39 16.12
C LEU A 426 -5.66 -12.54 14.65
N MET A 427 -4.67 -12.79 13.80
CA MET A 427 -4.87 -12.93 12.35
C MET A 427 -4.93 -14.39 11.94
N PRO A 428 -5.51 -14.67 10.77
CA PRO A 428 -5.69 -16.08 10.40
C PRO A 428 -4.39 -16.88 10.25
N ASP A 429 -3.31 -16.18 9.92
CA ASP A 429 -2.04 -16.87 9.69
C ASP A 429 -1.27 -17.09 10.99
N MET A 430 -1.81 -16.60 12.10
CA MET A 430 -1.26 -16.87 13.43
C MET A 430 -1.76 -18.15 14.08
N VAL A 431 -2.77 -18.79 13.50
CA VAL A 431 -3.32 -19.97 14.11
C VAL A 431 -3.12 -21.18 13.25
N LYS A 432 -2.50 -22.21 13.83
CA LYS A 432 -2.32 -23.51 13.17
C LYS A 432 -3.59 -24.21 12.75
N GLY A 433 -3.71 -24.46 11.46
CA GLY A 433 -4.85 -25.20 10.96
C GLY A 433 -6.07 -24.31 10.77
N TYR A 434 -5.87 -23.00 10.81
CA TYR A 434 -7.02 -22.11 10.73
C TYR A 434 -7.74 -22.23 9.38
N ALA A 435 -7.00 -22.60 8.33
CA ALA A 435 -7.59 -22.79 7.01
C ALA A 435 -8.91 -23.57 7.06
N ALA A 436 -9.00 -24.55 7.97
CA ALA A 436 -10.23 -25.33 8.13
C ALA A 436 -11.24 -24.67 9.07
N LYS B 2 21.92 -16.59 -2.84
CA LYS B 2 22.95 -16.32 -1.82
C LYS B 2 22.35 -16.36 -0.41
N ILE B 3 21.08 -15.99 -0.28
CA ILE B 3 20.32 -16.28 0.94
C ILE B 3 20.16 -17.79 1.06
N GLU B 4 20.55 -18.34 2.20
CA GLU B 4 20.40 -19.77 2.47
C GLU B 4 19.85 -19.99 3.88
N GLU B 5 18.98 -20.97 4.00
CA GLU B 5 18.56 -21.47 5.29
C GLU B 5 19.76 -21.70 6.17
N GLY B 6 19.74 -21.14 7.36
CA GLY B 6 20.77 -21.43 8.33
C GLY B 6 22.01 -20.60 8.23
N LYS B 7 21.97 -19.55 7.44
CA LYS B 7 22.99 -18.50 7.45
C LYS B 7 22.30 -17.13 7.36
N LEU B 8 23.01 -16.07 7.74
CA LEU B 8 22.47 -14.70 7.62
C LEU B 8 23.37 -13.85 6.74
N VAL B 9 22.73 -13.07 5.87
CA VAL B 9 23.44 -12.04 5.09
C VAL B 9 22.89 -10.71 5.45
N ILE B 10 23.76 -9.78 5.81
CA ILE B 10 23.34 -8.46 6.21
C ILE B 10 23.91 -7.41 5.27
N TRP B 11 23.06 -6.46 4.87
CA TRP B 11 23.47 -5.26 4.14
C TRP B 11 23.37 -4.03 5.00
N ILE B 12 24.46 -3.28 5.03
CA ILE B 12 24.52 -2.00 5.73
C ILE B 12 25.38 -1.02 4.93
N ASN B 13 25.14 0.28 5.09
CA ASN B 13 25.84 1.27 4.28
C ASN B 13 27.30 1.43 4.69
N GLY B 14 28.13 1.65 3.68
CA GLY B 14 29.56 1.76 3.84
C GLY B 14 30.05 2.84 4.78
N ASP B 15 29.21 3.83 5.13
CA ASP B 15 29.66 4.85 6.09
C ASP B 15 29.39 4.42 7.55
N LYS B 16 28.83 3.22 7.74
CA LYS B 16 28.50 2.76 9.11
C LYS B 16 29.53 1.74 9.58
N GLY B 17 29.53 1.43 10.89
CA GLY B 17 30.51 0.53 11.48
C GLY B 17 30.28 -0.92 11.12
N TYR B 18 30.50 -1.26 9.85
CA TYR B 18 30.16 -2.59 9.40
C TYR B 18 31.14 -3.68 9.88
N ASN B 19 32.37 -3.32 10.19
CA ASN B 19 33.32 -4.30 10.77
C ASN B 19 32.98 -4.54 12.23
N GLY B 20 32.50 -3.50 12.88
CA GLY B 20 31.98 -3.64 14.23
C GLY B 20 30.81 -4.60 14.22
N LEU B 21 29.90 -4.41 13.26
CA LEU B 21 28.74 -5.27 13.14
C LEU B 21 29.17 -6.70 12.87
N ALA B 22 30.22 -6.87 12.07
CA ALA B 22 30.63 -8.24 11.70
C ALA B 22 31.15 -9.01 12.94
N GLU B 23 31.65 -8.27 13.93
CA GLU B 23 32.08 -8.85 15.21
C GLU B 23 30.89 -9.38 16.01
N VAL B 24 29.74 -8.72 15.89
CA VAL B 24 28.54 -9.25 16.52
C VAL B 24 28.14 -10.51 15.81
N GLY B 25 28.34 -10.51 14.50
CA GLY B 25 28.02 -11.67 13.70
C GLY B 25 28.87 -12.87 14.09
N LYS B 26 30.14 -12.63 14.43
CA LYS B 26 31.05 -13.72 14.80
C LYS B 26 30.61 -14.31 16.15
N LYS B 27 30.18 -13.46 17.06
CA LYS B 27 29.70 -13.91 18.37
C LYS B 27 28.43 -14.71 18.17
N PHE B 28 27.59 -14.24 17.26
CA PHE B 28 26.36 -14.94 16.94
C PHE B 28 26.71 -16.32 16.44
N GLU B 29 27.66 -16.36 15.52
CA GLU B 29 28.02 -17.61 14.89
C GLU B 29 28.64 -18.54 15.96
N LYS B 30 29.44 -17.96 16.84
CA LYS B 30 30.05 -18.73 17.92
C LYS B 30 28.98 -19.41 18.78
N ASP B 31 27.91 -18.69 19.18
CA ASP B 31 26.87 -19.29 20.03
C ASP B 31 25.89 -20.22 19.35
N THR B 32 25.69 -20.04 18.03
CA THR B 32 24.56 -20.65 17.36
C THR B 32 24.93 -21.57 16.20
N GLY B 33 26.14 -21.45 15.68
CA GLY B 33 26.53 -22.21 14.50
C GLY B 33 25.95 -21.59 13.23
N ILE B 34 25.44 -20.36 13.32
CA ILE B 34 24.83 -19.65 12.18
C ILE B 34 25.83 -18.66 11.64
N LYS B 35 26.32 -18.89 10.43
CA LYS B 35 27.25 -17.92 9.83
C LYS B 35 26.51 -16.62 9.51
N VAL B 36 27.14 -15.51 9.85
CA VAL B 36 26.66 -14.19 9.53
C VAL B 36 27.67 -13.51 8.61
N THR B 37 27.19 -13.02 7.46
CA THR B 37 28.03 -12.31 6.49
C THR B 37 27.52 -10.87 6.34
N VAL B 38 28.34 -9.89 6.69
CA VAL B 38 27.97 -8.49 6.56
C VAL B 38 28.55 -7.92 5.25
N GLU B 39 27.70 -7.32 4.42
CA GLU B 39 28.13 -6.65 3.18
C GLU B 39 27.71 -5.18 3.17
N HIS B 40 28.43 -4.34 2.42
CA HIS B 40 28.08 -2.95 2.31
C HIS B 40 28.05 -2.56 0.82
N PRO B 41 27.05 -3.06 0.10
CA PRO B 41 26.99 -2.82 -1.33
C PRO B 41 26.82 -1.36 -1.68
N ASP B 42 27.28 -0.96 -2.85
CA ASP B 42 27.03 0.41 -3.31
C ASP B 42 25.56 0.54 -3.62
N LYS B 43 25.01 1.73 -3.35
CA LYS B 43 23.61 2.03 -3.67
C LYS B 43 22.65 0.98 -3.13
N LEU B 44 22.84 0.57 -1.88
CA LEU B 44 22.13 -0.62 -1.41
C LEU B 44 20.63 -0.33 -1.28
N GLU B 45 20.29 0.92 -1.00
CA GLU B 45 18.90 1.29 -0.75
C GLU B 45 18.13 1.29 -2.06
N GLU B 46 18.84 1.52 -3.16
CA GLU B 46 18.27 1.36 -4.50
C GLU B 46 18.29 -0.12 -4.87
N LYS B 47 19.39 -0.80 -4.56
CA LYS B 47 19.54 -2.21 -4.89
C LYS B 47 18.55 -3.12 -4.19
N PHE B 48 18.32 -2.88 -2.90
CA PHE B 48 17.43 -3.77 -2.14
C PHE B 48 16.05 -3.91 -2.73
N PRO B 49 15.36 -2.79 -3.01
CA PRO B 49 14.01 -2.94 -3.59
C PRO B 49 14.03 -3.59 -4.96
N GLN B 50 15.13 -3.47 -5.69
CA GLN B 50 15.19 -4.03 -7.03
C GLN B 50 15.32 -5.54 -6.92
N VAL B 51 16.19 -6.01 -6.04
CA VAL B 51 16.43 -7.45 -5.95
C VAL B 51 15.52 -8.17 -4.97
N ALA B 52 15.02 -7.47 -3.96
CA ALA B 52 14.13 -8.12 -2.99
C ALA B 52 12.76 -8.31 -3.64
N ALA B 53 12.48 -7.49 -4.65
CA ALA B 53 11.28 -7.62 -5.47
C ALA B 53 11.17 -9.03 -6.04
N THR B 54 12.30 -9.61 -6.43
CA THR B 54 12.34 -10.96 -7.01
C THR B 54 12.74 -12.04 -6.01
N GLY B 55 12.78 -11.69 -4.73
CA GLY B 55 13.02 -12.68 -3.68
C GLY B 55 14.49 -12.92 -3.34
N ASP B 56 15.35 -12.02 -3.81
CA ASP B 56 16.80 -12.06 -3.56
C ASP B 56 17.17 -10.99 -2.53
N GLY B 57 18.44 -10.63 -2.46
CA GLY B 57 18.85 -9.60 -1.54
C GLY B 57 19.20 -10.24 -0.20
N PRO B 58 19.48 -9.41 0.80
CA PRO B 58 19.97 -9.94 2.08
C PRO B 58 18.84 -10.42 3.02
N ASP B 59 19.21 -11.11 4.12
CA ASP B 59 18.23 -11.47 5.15
C ASP B 59 17.79 -10.23 5.90
N ILE B 60 18.76 -9.36 6.17
CA ILE B 60 18.57 -8.18 6.98
C ILE B 60 19.12 -6.97 6.24
N ILE B 61 18.36 -5.89 6.23
CA ILE B 61 18.83 -4.64 5.60
C ILE B 61 18.81 -3.47 6.60
N PHE B 62 19.92 -2.74 6.63
CA PHE B 62 20.07 -1.54 7.45
C PHE B 62 19.98 -0.29 6.59
N TRP B 63 19.09 0.63 6.97
CA TRP B 63 19.07 1.99 6.42
C TRP B 63 18.29 2.86 7.34
N ALA B 64 18.39 4.17 7.18
CA ALA B 64 17.51 5.07 7.91
C ALA B 64 16.08 4.69 7.59
N HIS B 65 15.18 4.96 8.54
CA HIS B 65 13.77 4.55 8.42
C HIS B 65 12.98 5.13 7.27
N ASP B 66 13.44 6.24 6.68
CA ASP B 66 12.64 6.95 5.68
C ASP B 66 12.42 6.10 4.45
N ARG B 67 13.31 5.15 4.19
CA ARG B 67 13.18 4.30 3.03
C ARG B 67 12.22 3.12 3.29
N PHE B 68 11.89 2.84 4.54
CA PHE B 68 11.21 1.56 4.87
C PHE B 68 9.70 1.47 4.57
N GLY B 69 8.99 2.58 4.58
CA GLY B 69 7.59 2.53 4.25
C GLY B 69 7.39 2.11 2.81
N GLY B 70 8.26 2.62 1.94
CA GLY B 70 8.31 2.19 0.57
C GLY B 70 8.52 0.67 0.47
N TYR B 71 9.52 0.16 1.18
CA TYR B 71 9.80 -1.27 1.13
C TYR B 71 8.57 -2.04 1.65
N ALA B 72 7.97 -1.54 2.73
CA ALA B 72 6.82 -2.20 3.35
C ALA B 72 5.60 -2.22 2.43
N GLN B 73 5.32 -1.09 1.78
CA GLN B 73 4.19 -0.98 0.86
C GLN B 73 4.32 -1.99 -0.26
N SER B 74 5.57 -2.26 -0.67
CA SER B 74 5.87 -3.25 -1.69
C SER B 74 5.93 -4.71 -1.18
N GLY B 75 5.66 -4.93 0.10
CA GLY B 75 5.68 -6.27 0.69
C GLY B 75 7.06 -6.89 0.81
N LEU B 76 8.12 -6.08 0.90
CA LEU B 76 9.48 -6.61 0.97
C LEU B 76 9.96 -6.90 2.39
N LEU B 77 9.21 -6.45 3.38
CA LEU B 77 9.66 -6.58 4.77
C LEU B 77 8.74 -7.42 5.61
N ALA B 78 9.35 -8.23 6.45
CA ALA B 78 8.62 -9.03 7.38
C ALA B 78 8.10 -8.15 8.52
N GLU B 79 6.89 -8.41 8.99
CA GLU B 79 6.45 -7.74 10.20
C GLU B 79 7.31 -8.29 11.33
N ILE B 80 7.88 -7.41 12.15
CA ILE B 80 8.72 -7.89 13.24
C ILE B 80 7.87 -8.11 14.50
N THR B 81 8.31 -9.00 15.38
CA THR B 81 7.42 -9.49 16.44
C THR B 81 8.02 -9.37 17.84
N PRO B 82 8.53 -8.20 18.20
CA PRO B 82 9.08 -8.13 19.56
C PRO B 82 8.01 -8.14 20.65
N ASP B 83 8.31 -8.75 21.80
CA ASP B 83 7.32 -8.78 22.89
C ASP B 83 7.34 -7.42 23.59
N LYS B 84 6.35 -7.18 24.45
CA LYS B 84 6.27 -5.93 25.15
C LYS B 84 7.50 -5.62 26.00
N ALA B 85 8.12 -6.63 26.58
CA ALA B 85 9.32 -6.38 27.37
C ALA B 85 10.42 -5.89 26.44
N PHE B 86 10.53 -6.49 25.27
CA PHE B 86 11.62 -6.05 24.43
C PHE B 86 11.32 -4.63 23.97
N GLN B 87 10.10 -4.36 23.54
CA GLN B 87 9.73 -3.01 23.08
C GLN B 87 10.06 -1.93 24.10
N ASP B 88 9.73 -2.23 25.35
CA ASP B 88 10.03 -1.37 26.50
C ASP B 88 11.50 -1.01 26.65
N LYS B 89 12.39 -1.77 26.02
CA LYS B 89 13.82 -1.47 26.06
C LYS B 89 14.25 -0.30 25.13
N LEU B 90 13.41 0.09 24.18
CA LEU B 90 13.79 1.14 23.21
C LEU B 90 12.85 2.34 23.40
N TYR B 91 13.31 3.56 23.08
CA TYR B 91 12.46 4.76 23.22
C TYR B 91 11.23 4.67 22.31
N PRO B 92 10.03 4.96 22.84
CA PRO B 92 8.81 4.90 22.05
C PRO B 92 8.89 5.63 20.71
N PHE B 93 9.62 6.75 20.66
CA PHE B 93 9.61 7.52 19.41
C PHE B 93 10.41 6.78 18.33
N THR B 94 11.33 5.90 18.72
CA THR B 94 12.13 5.22 17.72
C THR B 94 11.24 4.13 17.11
N TRP B 95 10.36 3.53 17.92
CA TRP B 95 9.39 2.59 17.38
C TRP B 95 8.40 3.30 16.45
N ASP B 96 8.02 4.54 16.79
CA ASP B 96 7.09 5.29 15.95
C ASP B 96 7.70 5.40 14.54
N ALA B 97 9.00 5.58 14.50
CA ALA B 97 9.66 5.84 13.22
C ALA B 97 9.62 4.62 12.31
N VAL B 98 9.53 3.43 12.90
CA VAL B 98 9.52 2.18 12.14
C VAL B 98 8.16 1.53 12.14
N ARG B 99 7.14 2.28 12.51
CA ARG B 99 5.78 1.78 12.42
C ARG B 99 5.16 2.30 11.14
N TYR B 100 4.58 1.39 10.36
CA TYR B 100 4.01 1.70 9.06
C TYR B 100 2.64 1.04 8.84
N ASN B 101 1.61 1.87 8.61
CA ASN B 101 0.23 1.39 8.52
C ASN B 101 -0.08 0.34 9.57
N GLY B 102 0.32 0.64 10.80
CA GLY B 102 -0.06 -0.11 11.96
C GLY B 102 0.94 -1.20 12.34
N LYS B 103 1.84 -1.56 11.43
CA LYS B 103 2.78 -2.64 11.68
C LYS B 103 4.18 -2.11 11.95
N LEU B 104 4.87 -2.73 12.90
CA LEU B 104 6.29 -2.47 13.10
C LEU B 104 6.99 -3.21 11.99
N ILE B 105 7.85 -2.52 11.27
CA ILE B 105 8.50 -3.13 10.08
C ILE B 105 9.99 -3.14 10.12
N ALA B 106 10.57 -2.81 11.26
CA ALA B 106 12.01 -2.77 11.38
C ALA B 106 12.35 -2.56 12.83
N TYR B 107 13.61 -2.82 13.17
CA TYR B 107 14.13 -2.58 14.50
C TYR B 107 14.92 -1.28 14.55
N PRO B 108 14.54 -0.35 15.46
CA PRO B 108 15.33 0.88 15.51
C PRO B 108 16.66 0.57 16.14
N ILE B 109 17.73 1.18 15.63
CA ILE B 109 19.04 1.01 16.19
C ILE B 109 19.52 2.30 16.79
N ALA B 110 19.52 3.34 15.97
CA ALA B 110 20.14 4.61 16.37
C ALA B 110 19.48 5.85 15.76
N VAL B 111 19.56 6.96 16.48
CA VAL B 111 18.98 8.24 16.09
C VAL B 111 20.11 9.11 15.59
N GLU B 112 20.01 9.51 14.34
CA GLU B 112 21.03 10.30 13.66
C GLU B 112 20.48 11.68 13.33
N ALA B 113 21.25 12.68 13.68
CA ALA B 113 20.96 14.06 13.32
C ALA B 113 22.29 14.69 12.96
N LEU B 114 22.26 15.56 11.97
CA LEU B 114 23.45 16.33 11.62
C LEU B 114 23.72 17.38 12.69
N SER B 115 25.00 17.56 12.97
CA SER B 115 25.45 18.63 13.82
C SER B 115 26.50 19.48 13.13
N LEU B 116 26.68 20.69 13.65
CA LEU B 116 27.81 21.53 13.24
C LEU B 116 29.09 21.00 13.90
N ILE B 117 30.02 20.55 13.09
CA ILE B 117 31.34 20.13 13.57
C ILE B 117 32.39 21.19 13.28
N TYR B 118 33.14 21.60 14.31
CA TYR B 118 34.11 22.68 14.20
C TYR B 118 35.49 22.39 14.81
N ASN B 119 36.49 23.10 14.26
CA ASN B 119 37.87 23.01 14.71
C ASN B 119 38.10 23.99 15.85
N LYS B 120 38.38 23.46 17.03
CA LYS B 120 38.51 24.29 18.21
C LYS B 120 39.75 25.19 18.16
N ASP B 121 40.75 24.79 17.38
CA ASP B 121 42.00 25.55 17.28
C ASP B 121 41.90 26.72 16.31
N LEU B 122 40.78 26.82 15.60
CA LEU B 122 40.54 27.93 14.67
C LEU B 122 39.33 28.73 15.12
N LEU B 123 38.40 28.10 15.85
CA LEU B 123 37.28 28.83 16.42
C LEU B 123 37.09 28.54 17.92
N PRO B 124 37.47 29.49 18.78
CA PRO B 124 37.11 29.34 20.19
C PRO B 124 35.60 29.19 20.38
N ASN B 125 34.82 29.97 19.63
CA ASN B 125 33.36 29.81 19.64
C ASN B 125 32.80 29.83 18.23
N PRO B 126 32.11 28.75 17.84
CA PRO B 126 31.60 28.73 16.46
C PRO B 126 30.41 29.66 16.29
N PRO B 127 30.15 30.09 15.05
CA PRO B 127 29.02 30.97 14.80
C PRO B 127 27.70 30.35 15.21
N LYS B 128 26.79 31.14 15.77
CA LYS B 128 25.44 30.70 16.02
C LYS B 128 24.49 31.00 14.86
N THR B 129 24.97 31.68 13.83
CA THR B 129 24.11 31.97 12.68
C THR B 129 24.81 31.75 11.37
N TRP B 130 24.00 31.39 10.37
CA TRP B 130 24.47 31.27 9.02
C TRP B 130 24.98 32.63 8.53
N GLU B 131 24.27 33.68 8.93
CA GLU B 131 24.58 35.01 8.42
C GLU B 131 26.02 35.43 8.76
N GLU B 132 26.60 34.87 9.80
CA GLU B 132 27.99 35.21 10.11
C GLU B 132 29.04 34.56 9.21
N ILE B 133 28.66 33.55 8.45
CA ILE B 133 29.67 32.73 7.78
C ILE B 133 30.42 33.49 6.69
N PRO B 134 29.71 34.31 5.89
CA PRO B 134 30.46 35.07 4.87
C PRO B 134 31.61 35.91 5.45
N ALA B 135 31.31 36.81 6.39
CA ALA B 135 32.36 37.58 7.06
C ALA B 135 33.43 36.69 7.68
N LEU B 136 33.02 35.65 8.39
CA LEU B 136 33.97 34.71 8.96
C LEU B 136 34.85 34.04 7.91
N ASP B 137 34.25 33.61 6.80
CA ASP B 137 35.05 33.02 5.73
C ASP B 137 36.14 33.98 5.22
N LYS B 138 35.78 35.25 5.03
CA LYS B 138 36.75 36.23 4.55
C LYS B 138 37.95 36.27 5.49
N GLU B 139 37.67 36.44 6.78
CA GLU B 139 38.71 36.47 7.80
C GLU B 139 39.66 35.27 7.68
N LEU B 140 39.12 34.06 7.53
CA LEU B 140 39.96 32.85 7.53
C LEU B 140 40.66 32.69 6.18
N LYS B 141 40.03 33.20 5.13
CA LYS B 141 40.65 33.15 3.81
C LYS B 141 42.00 33.86 3.87
N ALA B 142 42.07 34.94 4.64
CA ALA B 142 43.34 35.63 4.89
C ALA B 142 44.43 34.68 5.36
N LYS B 143 44.05 33.71 6.18
CA LYS B 143 45.00 32.72 6.68
C LYS B 143 45.12 31.53 5.72
N GLY B 144 44.42 31.61 4.59
CA GLY B 144 44.42 30.51 3.64
C GLY B 144 43.60 29.31 4.10
N LYS B 145 42.52 29.59 4.82
CA LYS B 145 41.58 28.57 5.24
C LYS B 145 40.19 28.95 4.78
N SER B 146 39.22 28.07 5.02
CA SER B 146 37.80 28.36 4.76
C SER B 146 37.05 28.32 6.08
N ALA B 147 35.95 29.06 6.18
CA ALA B 147 35.02 28.89 7.28
C ALA B 147 34.34 27.52 7.26
N LEU B 148 33.73 27.15 6.14
CA LEU B 148 32.80 26.00 6.11
C LEU B 148 32.85 25.14 4.84
N MET B 149 32.86 23.82 5.03
CA MET B 149 32.75 22.86 3.93
C MET B 149 31.90 21.65 4.29
N PHE B 150 30.91 21.33 3.45
CA PHE B 150 30.07 20.15 3.62
C PHE B 150 29.48 19.68 2.30
N ASN B 151 29.05 18.42 2.30
CA ASN B 151 28.59 17.74 1.10
C ASN B 151 27.39 18.47 0.49
N LEU B 152 27.58 19.03 -0.71
CA LEU B 152 26.51 19.71 -1.40
C LEU B 152 25.84 18.82 -2.44
N GLN B 153 26.25 17.55 -2.53
CA GLN B 153 25.68 16.66 -3.55
C GLN B 153 24.50 15.83 -3.05
N GLU B 154 24.28 15.82 -1.74
CA GLU B 154 23.18 15.07 -1.14
C GLU B 154 22.25 16.03 -0.39
N PRO B 155 20.94 16.00 -0.71
CA PRO B 155 20.04 16.98 -0.08
C PRO B 155 19.89 16.84 1.44
N TYR B 156 20.15 15.66 1.99
CA TYR B 156 20.19 15.47 3.46
C TYR B 156 20.92 16.59 4.19
N PHE B 157 22.06 17.00 3.62
CA PHE B 157 22.97 17.97 4.23
C PHE B 157 22.57 19.44 4.03
N THR B 158 21.71 19.71 3.04
CA THR B 158 21.34 21.09 2.71
C THR B 158 19.96 21.38 3.27
N TRP B 159 19.18 20.32 3.46
CA TRP B 159 17.81 20.42 3.97
C TRP B 159 17.69 21.20 5.27
N PRO B 160 18.60 21.07 6.09
CA PRO B 160 18.46 21.82 7.36
C PRO B 160 18.24 23.31 7.15
N LEU B 161 19.07 23.87 6.33
CA LEU B 161 18.98 25.29 6.01
C LEU B 161 17.69 25.60 5.26
N ILE B 162 17.33 24.73 4.31
CA ILE B 162 16.13 24.94 3.54
C ILE B 162 14.91 24.96 4.45
N ALA B 163 14.94 24.15 5.52
CA ALA B 163 13.75 23.97 6.35
C ALA B 163 13.65 25.07 7.41
N ALA B 164 14.79 25.69 7.72
CA ALA B 164 14.92 26.59 8.85
C ALA B 164 13.85 27.68 8.87
N ASP B 165 13.59 28.32 7.73
CA ASP B 165 12.66 29.45 7.67
C ASP B 165 11.29 29.08 7.11
N GLY B 166 11.02 27.79 7.00
CA GLY B 166 9.68 27.35 6.63
C GLY B 166 9.58 26.25 5.56
N GLY B 167 10.69 25.87 4.94
CA GLY B 167 10.65 24.80 3.96
C GLY B 167 10.22 23.52 4.65
N TYR B 168 9.35 22.74 4.02
CA TYR B 168 8.97 21.44 4.58
C TYR B 168 8.75 20.47 3.44
N ALA B 169 8.79 19.18 3.78
CA ALA B 169 8.54 18.10 2.82
C ALA B 169 7.05 17.97 2.57
N PHE B 170 6.36 17.19 3.42
CA PHE B 170 4.92 17.00 3.32
C PHE B 170 4.24 17.53 4.59
N LYS B 171 3.14 18.25 4.44
CA LYS B 171 2.49 18.88 5.58
C LYS B 171 1.94 17.80 6.48
N TYR B 172 2.24 17.89 7.77
CA TYR B 172 1.72 16.95 8.75
C TYR B 172 0.49 17.54 9.46
N GLU B 173 -0.69 17.11 9.04
CA GLU B 173 -1.95 17.65 9.57
C GLU B 173 -2.73 16.59 10.31
N ASN B 174 -3.34 16.97 11.43
CA ASN B 174 -4.15 16.08 12.27
C ASN B 174 -3.68 14.61 12.27
N GLY B 175 -2.38 14.42 12.47
CA GLY B 175 -1.79 13.08 12.58
C GLY B 175 -1.34 12.39 11.29
N LYS B 176 -1.58 13.01 10.13
CA LYS B 176 -1.26 12.40 8.84
C LYS B 176 -0.44 13.32 7.95
N TYR B 177 0.42 12.75 7.12
CA TYR B 177 1.16 13.52 6.11
C TYR B 177 0.30 13.71 4.86
N ASP B 178 0.15 14.97 4.44
CA ASP B 178 -0.62 15.31 3.25
C ASP B 178 0.30 15.37 2.05
N ILE B 179 0.31 14.30 1.26
CA ILE B 179 1.26 14.22 0.16
C ILE B 179 0.95 15.23 -0.93
N LYS B 180 -0.27 15.76 -0.91
CA LYS B 180 -0.68 16.75 -1.90
C LYS B 180 -0.11 18.11 -1.57
N ASP B 181 0.28 18.29 -0.30
CA ASP B 181 0.71 19.59 0.19
C ASP B 181 2.21 19.59 0.49
N VAL B 182 2.97 19.89 -0.56
CA VAL B 182 4.43 19.85 -0.51
C VAL B 182 5.02 21.24 -0.29
N GLY B 183 6.11 21.31 0.49
CA GLY B 183 6.63 22.58 0.98
C GLY B 183 8.02 22.98 0.54
N VAL B 184 8.42 22.59 -0.66
CA VAL B 184 9.81 22.82 -1.07
C VAL B 184 9.98 24.11 -1.87
N ASP B 185 8.86 24.76 -2.19
CA ASP B 185 8.85 25.93 -3.05
C ASP B 185 8.15 27.11 -2.36
N ASN B 186 8.22 27.17 -1.02
CA ASN B 186 7.61 28.31 -0.31
C ASN B 186 8.67 29.34 0.02
N ALA B 187 8.26 30.42 0.68
CA ALA B 187 9.16 31.53 0.90
C ALA B 187 10.35 31.13 1.76
N GLY B 188 10.10 30.26 2.75
CA GLY B 188 11.15 29.73 3.60
C GLY B 188 12.17 28.88 2.82
N ALA B 189 11.66 27.94 2.01
CA ALA B 189 12.52 27.10 1.18
C ALA B 189 13.40 27.99 0.28
N LYS B 190 12.75 28.90 -0.43
CA LYS B 190 13.44 29.80 -1.37
C LYS B 190 14.53 30.57 -0.65
N ALA B 191 14.23 30.99 0.56
CA ALA B 191 15.15 31.84 1.29
C ALA B 191 16.40 31.09 1.71
N GLY B 192 16.23 29.88 2.23
CA GLY B 192 17.41 29.12 2.61
C GLY B 192 18.20 28.66 1.42
N LEU B 193 17.52 28.24 0.33
CA LEU B 193 18.28 27.80 -0.81
C LEU B 193 19.02 29.03 -1.38
N THR B 194 18.38 30.19 -1.36
CA THR B 194 19.01 31.40 -1.88
C THR B 194 20.27 31.73 -1.08
N PHE B 195 20.21 31.56 0.24
CA PHE B 195 21.38 31.84 1.05
C PHE B 195 22.56 30.95 0.70
N LEU B 196 22.28 29.67 0.46
CA LEU B 196 23.31 28.73 0.07
C LEU B 196 23.94 29.08 -1.30
N VAL B 197 23.10 29.32 -2.28
CA VAL B 197 23.57 29.74 -3.61
C VAL B 197 24.42 31.01 -3.51
N ASP B 198 23.98 31.99 -2.73
CA ASP B 198 24.81 33.19 -2.53
C ASP B 198 26.15 32.86 -1.87
N LEU B 199 26.21 31.88 -0.99
CA LEU B 199 27.48 31.50 -0.40
C LEU B 199 28.42 31.06 -1.50
N ILE B 200 27.87 30.37 -2.48
CA ILE B 200 28.69 29.83 -3.56
C ILE B 200 29.10 30.97 -4.51
N LYS B 201 28.13 31.81 -4.87
CA LYS B 201 28.41 32.96 -5.75
C LYS B 201 29.55 33.79 -5.16
N ASN B 202 29.48 34.08 -3.86
CA ASN B 202 30.52 34.90 -3.23
C ASN B 202 31.77 34.10 -2.90
N LYS B 203 31.89 32.93 -3.51
CA LYS B 203 33.06 32.07 -3.39
C LYS B 203 33.38 31.65 -1.95
N HIS B 204 32.34 31.55 -1.13
CA HIS B 204 32.54 31.06 0.22
C HIS B 204 32.47 29.53 0.25
N MET B 205 31.85 28.95 -0.78
CA MET B 205 31.77 27.51 -0.96
C MET B 205 31.81 27.14 -2.44
N ASN B 206 32.18 25.90 -2.71
CA ASN B 206 32.28 25.38 -4.06
C ASN B 206 31.12 24.41 -4.37
N ALA B 207 30.38 24.68 -5.44
CA ALA B 207 29.16 23.94 -5.77
C ALA B 207 29.38 22.44 -5.95
N ASP B 208 30.63 22.07 -6.22
CA ASP B 208 31.01 20.69 -6.49
CA ASP B 208 30.95 20.68 -6.49
C ASP B 208 31.56 19.97 -5.26
N THR B 209 31.53 20.61 -4.10
CA THR B 209 32.06 19.95 -2.89
C THR B 209 31.19 18.72 -2.58
N ASP B 210 31.82 17.56 -2.39
CA ASP B 210 31.12 16.34 -2.00
C ASP B 210 31.59 15.82 -0.66
N TYR B 211 31.17 14.62 -0.29
CA TYR B 211 31.40 14.13 1.06
C TYR B 211 32.89 13.97 1.35
N SER B 212 33.62 13.36 0.41
CA SER B 212 35.05 13.08 0.60
C SER B 212 35.85 14.37 0.73
N ILE B 213 35.53 15.32 -0.14
CA ILE B 213 36.24 16.58 -0.22
C ILE B 213 36.04 17.41 1.05
N ALA B 214 34.82 17.46 1.55
CA ALA B 214 34.55 18.21 2.77
C ALA B 214 35.21 17.49 3.95
N GLU B 215 35.17 16.15 3.94
CA GLU B 215 35.77 15.37 5.02
C GLU B 215 37.27 15.64 5.07
N ALA B 216 37.93 15.53 3.92
CA ALA B 216 39.37 15.67 3.89
C ALA B 216 39.75 17.08 4.31
N ALA B 217 39.05 18.06 3.75
CA ALA B 217 39.29 19.46 4.08
C ALA B 217 39.36 19.66 5.58
N PHE B 218 38.28 19.31 6.26
CA PHE B 218 38.16 19.54 7.69
C PHE B 218 39.18 18.75 8.48
N ASN B 219 39.41 17.50 8.08
CA ASN B 219 40.29 16.61 8.83
C ASN B 219 41.75 16.96 8.66
N LYS B 220 42.07 17.76 7.64
CA LYS B 220 43.44 18.25 7.44
C LYS B 220 43.59 19.69 7.93
N GLY B 221 42.57 20.20 8.61
CA GLY B 221 42.61 21.53 9.17
C GLY B 221 42.56 22.68 8.17
N GLU B 222 42.00 22.44 6.99
CA GLU B 222 41.95 23.48 5.95
C GLU B 222 40.68 24.31 6.04
N THR B 223 39.66 23.74 6.67
CA THR B 223 38.41 24.45 6.91
C THR B 223 38.05 24.35 8.39
N ALA B 224 37.39 25.38 8.88
CA ALA B 224 37.09 25.53 10.29
C ALA B 224 35.87 24.73 10.69
N MET B 225 35.00 24.48 9.71
CA MET B 225 33.71 23.88 10.00
C MET B 225 33.29 22.90 8.93
N THR B 226 32.67 21.83 9.37
CA THR B 226 31.87 21.00 8.49
C THR B 226 30.52 20.69 9.12
N ILE B 227 29.66 20.07 8.33
CA ILE B 227 28.37 19.62 8.79
C ILE B 227 28.36 18.13 8.54
N ASN B 228 28.06 17.35 9.57
CA ASN B 228 28.06 15.91 9.37
C ASN B 228 27.42 15.15 10.54
N GLY B 229 27.31 13.84 10.37
CA GLY B 229 26.70 12.99 11.38
C GLY B 229 27.68 12.20 12.23
N PRO B 230 27.16 11.52 13.26
CA PRO B 230 28.04 10.82 14.20
C PRO B 230 28.99 9.86 13.52
N TRP B 231 28.54 9.19 12.48
CA TRP B 231 29.39 8.22 11.77
C TRP B 231 30.71 8.86 11.33
N ALA B 232 30.75 10.20 11.28
CA ALA B 232 31.94 10.90 10.82
C ALA B 232 33.00 11.14 11.93
N TRP B 233 32.60 11.08 13.19
CA TRP B 233 33.50 11.46 14.29
C TRP B 233 34.74 10.57 14.37
N SER B 234 34.63 9.33 13.92
CA SER B 234 35.74 8.39 14.01
C SER B 234 36.95 8.83 13.20
N ASN B 235 36.74 9.29 11.96
CA ASN B 235 37.84 9.70 11.12
C ASN B 235 38.49 10.99 11.62
N ILE B 236 37.70 11.81 12.30
CA ILE B 236 38.24 13.05 12.85
C ILE B 236 39.14 12.69 14.03
N ASP B 237 38.69 11.72 14.85
CA ASP B 237 39.50 11.19 15.95
C ASP B 237 40.88 10.77 15.44
N THR B 238 40.91 10.00 14.36
CA THR B 238 42.17 9.51 13.82
C THR B 238 43.06 10.67 13.34
N SER B 239 42.44 11.79 13.01
CA SER B 239 43.15 12.92 12.39
C SER B 239 43.82 13.85 13.40
N LYS B 240 43.50 13.71 14.67
CA LYS B 240 44.08 14.56 15.71
C LYS B 240 43.74 16.06 15.53
N VAL B 241 42.86 16.40 14.58
CA VAL B 241 42.17 17.69 14.64
C VAL B 241 41.41 17.72 15.96
N ASN B 242 41.56 18.80 16.72
N ASN B 242 41.53 18.80 16.70
CA ASN B 242 40.82 18.97 17.95
CA ASN B 242 40.82 18.94 17.96
C ASN B 242 39.47 19.59 17.62
C ASN B 242 39.47 19.61 17.70
N TYR B 243 38.41 18.81 17.78
CA TYR B 243 37.09 19.22 17.30
C TYR B 243 36.00 19.21 18.35
N GLY B 244 34.93 19.91 18.03
CA GLY B 244 33.73 19.97 18.84
C GLY B 244 32.49 19.73 18.00
N VAL B 245 31.38 19.42 18.67
CA VAL B 245 30.13 19.14 18.00
C VAL B 245 29.06 20.00 18.67
N THR B 246 28.45 20.90 17.92
CA THR B 246 27.47 21.81 18.53
C THR B 246 26.19 21.95 17.71
N VAL B 247 25.31 22.80 18.20
CA VAL B 247 24.08 23.16 17.54
C VAL B 247 24.36 23.78 16.16
N LEU B 248 23.52 23.48 15.18
CA LEU B 248 23.66 24.10 13.86
C LEU B 248 23.31 25.57 13.97
N PRO B 249 23.92 26.40 13.11
CA PRO B 249 23.57 27.83 13.06
C PRO B 249 22.09 28.08 12.76
N THR B 250 21.62 29.26 13.12
CA THR B 250 20.24 29.64 12.91
C THR B 250 20.22 30.36 11.58
N PHE B 251 19.02 30.58 11.05
CA PHE B 251 18.84 31.34 9.83
C PHE B 251 17.54 32.11 10.00
N LYS B 252 17.65 33.43 9.88
CA LYS B 252 16.54 34.32 10.17
C LYS B 252 16.01 34.04 11.58
N GLY B 253 16.93 33.73 12.47
CA GLY B 253 16.62 33.53 13.87
C GLY B 253 15.93 32.23 14.16
N GLN B 254 15.71 31.41 13.13
CA GLN B 254 15.11 30.09 13.31
C GLN B 254 16.20 29.04 13.37
N PRO B 255 16.01 28.02 14.21
CA PRO B 255 16.98 26.91 14.22
C PRO B 255 17.04 26.21 12.88
N SER B 256 18.22 25.72 12.49
CA SER B 256 18.33 24.79 11.37
C SER B 256 17.58 23.54 11.78
N LYS B 257 16.90 22.92 10.82
CA LYS B 257 15.97 21.83 11.09
C LYS B 257 16.34 20.60 10.29
N PRO B 258 17.31 19.81 10.79
CA PRO B 258 17.69 18.59 10.08
C PRO B 258 16.59 17.57 10.11
N PHE B 259 16.48 16.83 9.02
CA PHE B 259 15.64 15.68 8.96
C PHE B 259 16.39 14.60 9.70
N VAL B 260 15.73 14.02 10.70
CA VAL B 260 16.35 13.06 11.60
C VAL B 260 16.08 11.64 11.13
N GLY B 261 17.13 10.85 11.00
CA GLY B 261 17.01 9.47 10.57
C GLY B 261 17.17 8.53 11.75
N VAL B 262 16.47 7.41 11.67
CA VAL B 262 16.59 6.33 12.66
C VAL B 262 17.14 5.16 11.88
N LEU B 263 18.43 4.89 12.04
CA LEU B 263 19.03 3.70 11.48
C LEU B 263 18.23 2.50 11.98
N SER B 264 17.78 1.65 11.06
CA SER B 264 16.82 0.61 11.37
C SER B 264 17.19 -0.64 10.63
N ALA B 265 16.82 -1.78 11.22
CA ALA B 265 17.13 -3.09 10.64
C ALA B 265 15.86 -3.81 10.31
N GLY B 266 15.70 -4.09 9.03
CA GLY B 266 14.51 -4.73 8.53
C GLY B 266 14.82 -6.16 8.12
N ILE B 267 13.83 -7.02 8.22
CA ILE B 267 14.01 -8.42 7.83
C ILE B 267 13.30 -8.66 6.51
N ASN B 268 14.05 -9.18 5.55
CA ASN B 268 13.57 -9.45 4.21
C ASN B 268 12.42 -10.42 4.27
N ALA B 269 11.30 -10.06 3.67
CA ALA B 269 10.16 -10.94 3.67
C ALA B 269 10.48 -12.28 2.99
N ALA B 270 11.44 -12.29 2.05
CA ALA B 270 11.81 -13.56 1.39
C ALA B 270 12.71 -14.48 2.24
N SER B 271 13.19 -14.02 3.40
CA SER B 271 14.16 -14.82 4.17
C SER B 271 13.49 -16.02 4.78
N PRO B 272 14.16 -17.22 4.72
CA PRO B 272 13.70 -18.35 5.53
C PRO B 272 14.35 -18.33 6.91
N ASN B 273 15.11 -17.26 7.19
CA ASN B 273 15.78 -17.09 8.48
C ASN B 273 15.19 -16.01 9.40
N LYS B 274 13.86 -15.84 9.39
CA LYS B 274 13.25 -14.71 10.10
C LYS B 274 13.42 -14.84 11.61
N GLU B 275 13.34 -16.05 12.16
N GLU B 275 13.34 -16.07 12.10
CA GLU B 275 13.55 -16.17 13.60
CA GLU B 275 13.51 -16.35 13.51
C GLU B 275 15.01 -16.01 13.95
C GLU B 275 14.96 -16.12 13.95
N LEU B 276 15.91 -16.52 13.11
CA LEU B 276 17.34 -16.38 13.43
C LEU B 276 17.70 -14.90 13.35
N ALA B 277 17.10 -14.21 12.39
CA ALA B 277 17.34 -12.78 12.24
C ALA B 277 16.84 -12.03 13.47
N LYS B 278 15.67 -12.41 13.95
CA LYS B 278 15.12 -11.79 15.13
C LYS B 278 16.06 -12.00 16.31
N GLU B 279 16.56 -13.20 16.48
CA GLU B 279 17.41 -13.46 17.64
C GLU B 279 18.74 -12.76 17.52
N PHE B 280 19.29 -12.67 16.31
CA PHE B 280 20.47 -11.88 16.12
C PHE B 280 20.21 -10.47 16.54
N LEU B 281 19.10 -9.90 16.05
CA LEU B 281 18.85 -8.48 16.27
C LEU B 281 18.48 -8.18 17.74
N GLU B 282 17.58 -8.97 18.32
CA GLU B 282 17.10 -8.68 19.70
C GLU B 282 18.11 -9.09 20.76
N ASN B 283 18.85 -10.17 20.52
CA ASN B 283 19.61 -10.76 21.63
C ASN B 283 21.10 -10.56 21.50
N TYR B 284 21.55 -10.18 20.30
CA TYR B 284 22.95 -9.85 20.07
C TYR B 284 23.20 -8.39 19.69
N LEU B 285 22.53 -7.86 18.66
CA LEU B 285 22.83 -6.47 18.30
C LEU B 285 22.29 -5.46 19.32
N LEU B 286 21.00 -5.53 19.65
CA LEU B 286 20.43 -4.57 20.56
C LEU B 286 20.72 -4.88 22.06
N THR B 287 22.01 -4.95 22.34
CA THR B 287 22.52 -5.12 23.69
C THR B 287 23.58 -4.07 23.85
N ASP B 288 23.90 -3.74 25.10
CA ASP B 288 24.94 -2.78 25.40
C ASP B 288 26.21 -3.18 24.68
N GLU B 289 26.55 -4.46 24.79
CA GLU B 289 27.78 -4.97 24.17
C GLU B 289 27.72 -5.04 22.62
N GLY B 290 26.55 -5.38 22.06
CA GLY B 290 26.39 -5.35 20.61
C GLY B 290 26.59 -3.95 20.04
N LEU B 291 25.84 -2.98 20.53
CA LEU B 291 25.90 -1.64 20.00
C LEU B 291 27.28 -1.03 20.26
N GLU B 292 27.92 -1.39 21.38
CA GLU B 292 29.23 -0.83 21.64
C GLU B 292 30.21 -1.28 20.56
N ALA B 293 30.12 -2.54 20.16
CA ALA B 293 30.99 -3.05 19.12
C ALA B 293 30.85 -2.26 17.80
N VAL B 294 29.62 -1.93 17.46
CA VAL B 294 29.36 -1.18 16.23
C VAL B 294 29.84 0.25 16.44
N ASN B 295 29.53 0.80 17.60
CA ASN B 295 29.86 2.18 17.93
C ASN B 295 31.35 2.44 17.90
N LYS B 296 32.11 1.42 18.29
CA LYS B 296 33.56 1.58 18.38
C LYS B 296 34.17 1.62 16.98
N ASP B 297 33.45 1.07 16.01
CA ASP B 297 33.89 1.05 14.64
C ASP B 297 33.55 2.39 13.97
N LYS B 298 32.30 2.81 14.09
CA LYS B 298 31.85 4.14 13.71
C LYS B 298 30.73 4.54 14.65
N PRO B 299 30.84 5.71 15.27
CA PRO B 299 29.79 6.07 16.23
C PRO B 299 28.40 6.14 15.60
N LEU B 300 27.44 5.65 16.37
CA LEU B 300 26.07 5.46 15.95
C LEU B 300 25.25 6.68 16.22
N GLY B 301 25.72 7.50 17.17
CA GLY B 301 24.93 8.60 17.70
C GLY B 301 24.14 8.17 18.93
N ALA B 302 22.93 8.69 19.05
CA ALA B 302 22.04 8.45 20.17
C ALA B 302 21.20 7.17 19.99
N VAL B 303 21.66 6.08 20.56
CA VAL B 303 21.03 4.78 20.29
C VAL B 303 19.57 4.67 20.77
N ALA B 304 18.83 3.75 20.16
CA ALA B 304 17.44 3.57 20.53
C ALA B 304 17.35 2.79 21.86
N LEU B 305 18.42 2.11 22.24
CA LEU B 305 18.39 1.23 23.41
C LEU B 305 18.63 2.03 24.68
N LYS B 306 17.58 2.21 25.49
CA LYS B 306 17.69 3.05 26.69
C LYS B 306 18.94 2.79 27.54
N SER B 307 19.24 1.54 27.83
CA SER B 307 20.33 1.23 28.78
C SER B 307 21.67 1.75 28.29
N TYR B 308 21.88 1.73 26.98
CA TYR B 308 23.16 2.19 26.43
C TYR B 308 23.14 3.68 26.12
N GLU B 309 21.99 4.24 25.80
CA GLU B 309 21.90 5.69 25.54
C GLU B 309 22.16 6.44 26.84
N GLU B 310 21.83 5.79 27.96
CA GLU B 310 22.08 6.34 29.28
C GLU B 310 23.55 6.68 29.46
N GLU B 311 24.41 5.79 29.00
CA GLU B 311 25.83 6.05 29.00
C GLU B 311 26.20 7.11 27.95
N LEU B 312 25.80 6.90 26.70
CA LEU B 312 26.22 7.78 25.60
C LEU B 312 25.82 9.25 25.78
N ALA B 313 24.71 9.51 26.46
CA ALA B 313 24.20 10.86 26.67
C ALA B 313 25.15 11.70 27.50
N LYS B 314 26.09 11.05 28.19
CA LYS B 314 27.12 11.75 28.96
C LYS B 314 27.97 12.60 28.04
N ASP B 315 28.17 12.08 26.84
CA ASP B 315 29.05 12.67 25.84
C ASP B 315 28.45 13.98 25.30
N PRO B 316 29.23 15.07 25.34
CA PRO B 316 28.65 16.33 24.82
C PRO B 316 28.38 16.24 23.30
N ARG B 317 29.12 15.42 22.57
CA ARG B 317 28.84 15.23 21.12
C ARG B 317 27.44 14.66 20.94
N ILE B 318 27.11 13.67 21.77
CA ILE B 318 25.80 13.04 21.69
C ILE B 318 24.69 13.98 22.16
N ALA B 319 24.94 14.79 23.19
CA ALA B 319 23.97 15.80 23.59
C ALA B 319 23.69 16.79 22.43
N ALA B 320 24.74 17.15 21.71
CA ALA B 320 24.58 18.10 20.61
C ALA B 320 23.77 17.46 19.49
N THR B 321 24.01 16.16 19.27
CA THR B 321 23.24 15.40 18.30
C THR B 321 21.76 15.48 18.66
N MET B 322 21.44 15.30 19.94
CA MET B 322 20.04 15.22 20.35
C MET B 322 19.37 16.59 20.40
N GLU B 323 20.13 17.62 20.76
CA GLU B 323 19.61 18.98 20.66
C GLU B 323 19.28 19.35 19.20
N ASN B 324 20.16 18.97 18.29
CA ASN B 324 19.88 19.16 16.86
C ASN B 324 18.72 18.31 16.39
N ALA B 325 18.63 17.08 16.89
CA ALA B 325 17.52 16.21 16.56
C ALA B 325 16.21 16.87 17.02
N GLN B 326 16.23 17.47 18.20
CA GLN B 326 14.99 18.04 18.72
C GLN B 326 14.56 19.28 17.96
N LYS B 327 15.52 20.07 17.48
CA LYS B 327 15.17 21.24 16.68
C LYS B 327 14.77 20.82 15.28
N GLY B 328 15.16 19.61 14.89
CA GLY B 328 14.79 19.09 13.59
C GLY B 328 13.46 18.40 13.59
N GLU B 329 13.32 17.48 12.65
CA GLU B 329 12.13 16.66 12.59
C GLU B 329 12.44 15.25 12.13
N ILE B 330 11.77 14.30 12.78
CA ILE B 330 11.84 12.93 12.39
C ILE B 330 11.33 12.74 10.96
N MET B 331 12.09 12.04 10.12
CA MET B 331 11.64 11.86 8.74
C MET B 331 10.36 11.06 8.71
N PRO B 332 9.45 11.43 7.81
CA PRO B 332 8.34 10.53 7.51
C PRO B 332 8.92 9.25 6.98
N ASN B 333 8.22 8.12 7.13
CA ASN B 333 8.67 6.88 6.51
C ASN B 333 7.87 6.54 5.28
N ILE B 334 6.92 7.40 4.90
CA ILE B 334 6.02 7.08 3.81
C ILE B 334 6.74 6.81 2.46
N PRO B 335 6.10 6.04 1.56
CA PRO B 335 6.66 5.66 0.26
C PRO B 335 7.10 6.88 -0.57
N GLN B 336 6.40 7.99 -0.42
CA GLN B 336 6.68 9.18 -1.22
C GLN B 336 8.03 9.87 -0.90
N MET B 337 8.72 9.39 0.14
CA MET B 337 9.93 10.07 0.62
C MET B 337 11.07 10.01 -0.40
N SER B 338 11.27 8.88 -1.08
CA SER B 338 12.38 8.88 -2.02
C SER B 338 12.13 9.83 -3.22
N ALA B 339 10.93 9.87 -3.78
CA ALA B 339 10.66 10.90 -4.82
C ALA B 339 10.91 12.33 -4.33
N PHE B 340 10.57 12.59 -3.06
CA PHE B 340 10.85 13.90 -2.44
C PHE B 340 12.36 14.17 -2.47
N TRP B 341 13.13 13.18 -2.03
CA TRP B 341 14.57 13.41 -1.91
C TRP B 341 15.21 13.61 -3.29
N TYR B 342 14.79 12.80 -4.24
CA TYR B 342 15.32 12.92 -5.60
C TYR B 342 14.99 14.34 -6.13
N ALA B 343 13.75 14.80 -5.91
CA ALA B 343 13.33 16.12 -6.38
C ALA B 343 14.19 17.21 -5.79
N VAL B 344 14.44 17.15 -4.48
CA VAL B 344 15.30 18.13 -3.83
C VAL B 344 16.76 17.98 -4.19
N ARG B 345 17.24 16.77 -4.43
N ARG B 345 17.24 16.75 -4.42
CA ARG B 345 18.64 16.63 -4.83
CA ARG B 345 18.63 16.60 -4.84
C ARG B 345 18.87 17.40 -6.14
C ARG B 345 18.86 17.40 -6.13
N THR B 346 18.00 17.19 -7.13
CA THR B 346 18.14 17.84 -8.41
C THR B 346 18.15 19.35 -8.23
N ALA B 347 17.20 19.81 -7.42
CA ALA B 347 16.92 21.22 -7.26
C ALA B 347 18.12 21.89 -6.67
N VAL B 348 18.74 21.23 -5.72
CA VAL B 348 19.87 21.81 -5.03
C VAL B 348 21.09 21.85 -5.94
N ILE B 349 21.32 20.74 -6.63
CA ILE B 349 22.47 20.67 -7.52
C ILE B 349 22.33 21.72 -8.65
N ASN B 350 21.15 21.81 -9.23
CA ASN B 350 20.92 22.77 -10.32
C ASN B 350 21.04 24.23 -9.89
N ALA B 351 20.54 24.57 -8.71
CA ALA B 351 20.65 25.95 -8.20
C ALA B 351 22.11 26.27 -7.84
N ALA B 352 22.77 25.32 -7.22
CA ALA B 352 24.12 25.53 -6.74
C ALA B 352 25.11 25.70 -7.88
N SER B 353 24.86 25.01 -8.98
CA SER B 353 25.76 25.04 -10.13
C SER B 353 25.47 26.25 -11.02
N GLY B 354 24.38 26.94 -10.76
CA GLY B 354 24.01 28.09 -11.56
C GLY B 354 23.26 27.70 -12.82
N ARG B 355 22.98 26.41 -12.96
CA ARG B 355 22.30 25.91 -14.13
C ARG B 355 20.85 26.34 -14.15
N GLN B 356 20.34 26.75 -13.00
CA GLN B 356 18.95 27.11 -12.84
C GLN B 356 18.83 28.12 -11.73
N THR B 357 17.85 29.02 -11.80
CA THR B 357 17.64 29.93 -10.71
C THR B 357 17.06 29.12 -9.56
N VAL B 358 17.21 29.66 -8.36
CA VAL B 358 16.60 29.07 -7.18
C VAL B 358 15.10 28.93 -7.36
N ASP B 359 14.42 29.98 -7.81
CA ASP B 359 12.98 29.91 -7.98
C ASP B 359 12.53 28.88 -9.04
N ALA B 360 13.31 28.70 -10.09
CA ALA B 360 12.92 27.73 -11.10
C ALA B 360 13.20 26.32 -10.57
N ALA B 361 14.32 26.19 -9.89
CA ALA B 361 14.74 24.90 -9.35
C ALA B 361 13.71 24.37 -8.35
N LEU B 362 13.28 25.21 -7.43
CA LEU B 362 12.27 24.78 -6.45
C LEU B 362 10.86 24.62 -7.05
N ALA B 363 10.51 25.35 -8.11
CA ALA B 363 9.22 25.11 -8.75
C ALA B 363 9.22 23.70 -9.36
N ALA B 364 10.31 23.34 -10.01
CA ALA B 364 10.40 22.01 -10.61
C ALA B 364 10.35 20.95 -9.51
N ALA B 365 11.04 21.23 -8.41
CA ALA B 365 11.11 20.28 -7.31
C ALA B 365 9.71 20.03 -6.73
N GLN B 366 8.88 21.05 -6.64
N GLN B 366 8.90 21.08 -6.66
CA GLN B 366 7.54 20.83 -6.08
CA GLN B 366 7.54 20.92 -6.14
C GLN B 366 6.74 19.95 -7.03
C GLN B 366 6.77 19.96 -7.02
N THR B 367 6.93 20.14 -8.33
CA THR B 367 6.27 19.29 -9.30
C THR B 367 6.80 17.86 -9.26
N ASN B 368 8.13 17.73 -9.20
CA ASN B 368 8.79 16.42 -9.25
C ASN B 368 8.55 15.61 -7.98
N ALA B 369 8.34 16.30 -6.85
CA ALA B 369 8.12 15.61 -5.58
C ALA B 369 6.89 14.71 -5.67
N ALA B 370 5.96 15.07 -6.55
CA ALA B 370 4.76 14.26 -6.77
C ALA B 370 4.93 13.15 -7.81
N ALA B 371 6.07 13.13 -8.48
CA ALA B 371 6.32 12.18 -9.53
C ALA B 371 7.30 11.14 -8.98
N ASN B 372 8.25 10.73 -9.79
CA ASN B 372 9.22 9.72 -9.40
C ASN B 372 10.49 9.95 -10.22
N GLN B 373 11.62 9.37 -9.80
CA GLN B 373 12.88 9.57 -10.50
C GLN B 373 12.83 8.83 -11.83
N ALA B 374 12.94 9.61 -12.90
CA ALA B 374 12.87 9.08 -14.26
C ALA B 374 14.28 8.79 -14.77
N SER B 375 14.36 7.85 -15.71
CA SER B 375 15.65 7.50 -16.30
C SER B 375 15.69 7.72 -17.82
N VAL B 376 16.90 7.88 -18.33
CA VAL B 376 17.14 7.93 -19.79
C VAL B 376 16.86 6.60 -20.45
N VAL B 377 16.05 6.65 -21.50
CA VAL B 377 15.65 5.49 -22.27
C VAL B 377 15.91 5.82 -23.73
N ALA B 378 16.33 4.85 -24.50
CA ALA B 378 16.69 5.15 -25.90
C ALA B 378 15.45 5.30 -26.74
N ASN B 379 15.37 6.45 -27.42
CA ASN B 379 14.20 6.78 -28.23
C ASN B 379 14.44 6.40 -29.72
N GLN B 380 15.67 6.00 -30.03
CA GLN B 380 16.04 5.35 -31.31
C GLN B 380 17.02 4.23 -31.03
N LEU B 381 17.15 3.22 -31.90
CA LEU B 381 18.40 2.43 -31.97
C LEU B 381 19.59 3.37 -32.00
N ILE B 382 20.51 3.22 -31.07
CA ILE B 382 21.71 4.05 -31.03
C ILE B 382 22.90 3.14 -31.34
N PRO B 383 23.49 3.24 -32.54
CA PRO B 383 24.65 2.36 -32.82
C PRO B 383 25.84 2.64 -31.94
N ILE B 384 26.67 1.62 -31.72
CA ILE B 384 27.91 1.76 -30.98
C ILE B 384 28.74 2.92 -31.48
N ASN B 385 29.29 3.66 -30.54
CA ASN B 385 30.11 4.85 -30.79
C ASN B 385 29.34 6.09 -31.34
N THR B 386 28.02 6.03 -31.39
CA THR B 386 27.22 7.21 -31.80
C THR B 386 27.32 8.31 -30.73
N ALA B 387 27.56 9.53 -31.19
CA ALA B 387 27.56 10.68 -30.29
C ALA B 387 26.11 11.11 -30.02
N LEU B 388 25.74 11.15 -28.74
CA LEU B 388 24.35 11.33 -28.37
C LEU B 388 23.73 12.68 -28.79
N THR B 389 22.53 12.60 -29.32
CA THR B 389 21.69 13.79 -29.56
C THR B 389 20.35 13.65 -28.82
N LEU B 390 19.65 14.77 -28.59
CA LEU B 390 18.37 14.75 -27.87
C LEU B 390 17.37 13.82 -28.48
N VAL B 391 17.36 13.66 -29.81
CA VAL B 391 16.35 12.78 -30.40
C VAL B 391 16.55 11.30 -30.05
N MET B 392 17.74 10.97 -29.58
CA MET B 392 18.06 9.58 -29.20
C MET B 392 17.60 9.22 -27.78
N MET B 393 17.27 10.23 -27.00
CA MET B 393 17.04 10.01 -25.56
C MET B 393 15.70 10.54 -25.14
N ARG B 394 14.90 9.70 -24.48
CA ARG B 394 13.71 10.18 -23.80
C ARG B 394 13.75 9.77 -22.29
N SER B 395 12.67 10.00 -21.58
CA SER B 395 12.63 9.91 -20.11
C SER B 395 11.47 9.01 -19.72
N GLU B 396 11.73 8.07 -18.81
CA GLU B 396 10.72 7.15 -18.31
CA GLU B 396 10.72 7.15 -18.30
C GLU B 396 11.04 6.72 -16.88
N VAL B 397 9.99 6.48 -16.09
CA VAL B 397 10.15 5.91 -14.78
C VAL B 397 10.22 4.39 -14.95
N VAL B 398 11.41 3.86 -14.74
CA VAL B 398 11.65 2.46 -14.96
C VAL B 398 12.41 1.86 -13.78
N THR B 399 12.24 0.56 -13.59
CA THR B 399 13.10 -0.22 -12.70
C THR B 399 13.78 -1.35 -13.46
N PRO B 400 15.08 -1.51 -13.29
CA PRO B 400 15.90 -0.67 -12.43
C PRO B 400 16.17 0.68 -12.99
N VAL B 401 16.66 1.58 -12.17
CA VAL B 401 16.95 2.91 -12.54
C VAL B 401 18.28 2.99 -13.32
N GLY B 402 18.35 3.90 -14.26
CA GLY B 402 19.54 4.06 -15.08
C GLY B 402 20.04 5.46 -14.92
N ILE B 403 20.68 6.02 -15.91
CA ILE B 403 21.16 7.39 -15.83
C ILE B 403 19.97 8.34 -15.57
N PRO B 404 20.12 9.32 -14.66
CA PRO B 404 18.96 10.19 -14.37
C PRO B 404 18.49 11.02 -15.60
N ALA B 405 17.21 10.98 -15.94
CA ALA B 405 16.68 11.76 -17.08
C ALA B 405 17.14 13.23 -17.06
N GLU B 406 17.37 13.79 -15.88
CA GLU B 406 17.92 15.15 -15.79
C GLU B 406 19.28 15.36 -16.45
N ASP B 407 20.04 14.29 -16.66
CA ASP B 407 21.36 14.42 -17.30
C ASP B 407 21.31 14.46 -18.83
N ILE B 408 20.15 14.27 -19.43
CA ILE B 408 20.08 14.18 -20.88
C ILE B 408 20.81 15.35 -21.56
N PRO B 409 20.63 16.59 -21.07
CA PRO B 409 21.32 17.69 -21.76
C PRO B 409 22.83 17.56 -21.71
N ARG B 410 23.34 16.98 -20.63
CA ARG B 410 24.77 16.79 -20.44
C ARG B 410 25.30 15.64 -21.30
N LEU B 411 24.45 14.67 -21.62
CA LEU B 411 24.87 13.52 -22.41
C LEU B 411 25.09 13.83 -23.90
N VAL B 412 24.52 14.93 -24.37
CA VAL B 412 24.64 15.31 -25.77
C VAL B 412 26.11 15.45 -26.15
N SER B 413 26.51 14.62 -27.11
CA SER B 413 27.86 14.53 -27.73
C SER B 413 28.77 13.49 -27.07
N MET B 414 28.36 12.95 -25.95
CA MET B 414 29.04 11.82 -25.39
C MET B 414 28.66 10.59 -26.17
N GLN B 415 29.56 9.62 -26.22
CA GLN B 415 29.39 8.41 -26.99
C GLN B 415 28.98 7.21 -26.21
N VAL B 416 28.14 6.39 -26.80
CA VAL B 416 27.81 5.11 -26.22
C VAL B 416 28.86 4.06 -26.62
N ASN B 417 29.05 3.07 -25.75
CA ASN B 417 30.11 2.06 -25.93
C ASN B 417 29.53 0.71 -26.30
N ARG B 418 28.25 0.68 -26.61
N ARG B 418 28.25 0.69 -26.63
CA ARG B 418 27.59 -0.52 -27.16
CA ARG B 418 27.60 -0.49 -27.20
C ARG B 418 26.30 -0.13 -27.86
C ARG B 418 26.47 -0.01 -28.09
N ALA B 419 25.84 -0.93 -28.82
CA ALA B 419 24.59 -0.63 -29.49
C ALA B 419 23.50 -0.64 -28.44
N VAL B 420 22.65 0.39 -28.49
CA VAL B 420 21.54 0.52 -27.55
C VAL B 420 20.24 0.47 -28.30
N PRO B 421 19.55 -0.67 -28.19
CA PRO B 421 18.31 -0.82 -28.94
C PRO B 421 17.23 0.15 -28.46
N LEU B 422 16.29 0.47 -29.35
CA LEU B 422 15.11 1.25 -29.02
C LEU B 422 14.47 0.77 -27.72
N GLY B 423 14.26 1.67 -26.78
CA GLY B 423 13.47 1.35 -25.59
C GLY B 423 14.28 0.82 -24.41
N THR B 424 15.58 0.66 -24.63
CA THR B 424 16.51 0.19 -23.60
C THR B 424 16.84 1.28 -22.62
N THR B 425 16.84 0.94 -21.34
CA THR B 425 17.28 1.90 -20.34
C THR B 425 18.76 2.14 -20.52
N LEU B 426 19.16 3.41 -20.61
CA LEU B 426 20.55 3.78 -20.75
C LEU B 426 21.17 3.79 -19.36
N MET B 427 22.13 2.89 -19.16
CA MET B 427 22.86 2.77 -17.91
C MET B 427 24.19 3.50 -17.92
N PRO B 428 24.68 3.89 -16.73
CA PRO B 428 25.95 4.62 -16.60
C PRO B 428 27.11 3.94 -17.31
N ASP B 429 27.13 2.61 -17.28
CA ASP B 429 28.27 1.86 -17.79
C ASP B 429 28.22 1.86 -19.32
N MET B 430 27.10 2.31 -19.90
CA MET B 430 26.97 2.31 -21.35
C MET B 430 27.48 3.61 -22.01
N VAL B 431 27.93 4.60 -21.24
CA VAL B 431 28.37 5.87 -21.82
C VAL B 431 29.79 6.20 -21.47
N LYS B 432 30.63 6.41 -22.51
CA LYS B 432 32.05 6.69 -22.33
C LYS B 432 32.25 7.96 -21.58
N GLY B 433 33.01 7.87 -20.49
CA GLY B 433 33.38 9.04 -19.74
C GLY B 433 32.26 9.51 -18.84
N TYR B 434 31.20 8.71 -18.67
CA TYR B 434 30.11 9.10 -17.78
C TYR B 434 30.53 9.33 -16.33
N ALA B 435 31.42 8.50 -15.82
CA ALA B 435 31.92 8.70 -14.46
C ALA B 435 32.57 10.08 -14.39
N ALA B 436 31.87 11.00 -13.70
CA ALA B 436 32.19 12.44 -13.64
C ALA B 436 31.66 13.18 -14.87
C1 GLC C . -20.41 -10.79 -6.92
C2 GLC C . -21.21 -9.49 -6.99
C3 GLC C . -21.23 -8.75 -5.65
C4 GLC C . -21.54 -9.69 -4.48
C5 GLC C . -20.67 -10.94 -4.54
C6 GLC C . -21.07 -11.96 -3.51
O1 GLC C . -19.05 -10.51 -6.95
O2 GLC C . -20.68 -8.65 -7.97
O3 GLC C . -22.08 -7.64 -5.72
O4 GLC C . -21.33 -9.07 -3.26
O5 GLC C . -20.70 -11.58 -5.78
O6 GLC C . -20.06 -12.89 -3.29
C1 GLC C . -22.44 -8.50 -2.64
C2 GLC C . -22.17 -7.08 -2.16
C3 GLC C . -21.02 -7.10 -1.16
C4 GLC C . -21.31 -8.06 -0.02
C5 GLC C . -21.80 -9.42 -0.56
C6 GLC C . -22.27 -10.32 0.58
O2 GLC C . -21.85 -6.17 -3.17
O3 GLC C . -20.75 -5.82 -0.68
O4 GLC C . -20.13 -8.17 0.78
O5 GLC C . -22.80 -9.27 -1.53
O6 GLC C . -22.63 -11.60 0.23
C1 GLC C . -20.19 -7.55 2.04
C2 GLC C . -18.99 -6.69 2.43
C3 GLC C . -17.75 -7.52 2.30
C4 GLC C . -17.88 -8.70 3.26
C5 GLC C . -19.17 -9.48 3.01
C6 GLC C . -19.41 -10.52 4.08
O2 GLC C . -18.92 -5.46 1.73
O3 GLC C . -16.59 -6.82 2.65
O4 GLC C . -16.77 -9.54 3.19
O5 GLC C . -20.29 -8.60 2.97
O6 GLC C . -20.40 -11.42 3.64
C1 GLC D . 23.92 8.84 6.05
C2 GLC D . 22.60 8.81 6.81
C3 GLC D . 21.44 8.71 5.84
C4 GLC D . 21.52 9.83 4.83
C5 GLC D . 22.88 9.80 4.12
C6 GLC D . 23.03 11.00 3.18
O1 GLC D . 24.14 7.64 5.41
O2 GLC D . 22.60 7.73 7.71
O3 GLC D . 20.20 8.69 6.50
O4 GLC D . 20.48 9.62 3.96
O5 GLC D . 23.90 9.84 5.06
O6 GLC D . 23.97 10.82 2.15
C1 GLC D . 19.34 10.38 4.08
C2 GLC D . 18.11 9.49 3.86
C3 GLC D . 18.17 8.86 2.48
C4 GLC D . 18.28 9.96 1.43
C5 GLC D . 19.38 11.00 1.79
C6 GLC D . 19.27 12.21 0.84
O2 GLC D . 17.95 8.49 4.83
O3 GLC D . 17.08 8.01 2.25
O4 GLC D . 18.46 9.35 0.16
O5 GLC D . 19.35 11.40 3.12
O6 GLC D . 20.37 13.06 0.84
C1 GLC D . 17.39 9.35 -0.71
C2 GLC D . 17.08 7.99 -1.34
C3 GLC D . 18.30 7.55 -2.14
C4 GLC D . 18.62 8.59 -3.22
C5 GLC D . 18.73 9.98 -2.60
C6 GLC D . 18.84 11.07 -3.62
O2 GLC D . 16.70 7.07 -0.35
O3 GLC D . 18.11 6.30 -2.76
O4 GLC D . 19.74 8.17 -3.97
O5 GLC D . 17.61 10.25 -1.78
O6 GLC D . 19.66 12.08 -3.12
S SO4 E . -18.00 -2.49 9.13
O1 SO4 E . -18.80 -1.32 9.15
O2 SO4 E . -17.65 -2.79 7.76
O3 SO4 E . -16.79 -2.13 9.82
O4 SO4 E . -18.56 -3.67 9.79
S SO4 F . 10.91 6.85 -6.46
O1 SO4 F . 9.67 6.98 -5.78
O2 SO4 F . 10.72 5.82 -7.47
O3 SO4 F . 11.31 8.05 -7.13
O4 SO4 F . 11.91 6.31 -5.55
#